data_2L8W
# 
_entry.id   2L8W 
# 
_audit_conform.dict_name       mmcif_pdbx.dic 
_audit_conform.dict_version    5.392 
_audit_conform.dict_location   http://mmcif.pdb.org/dictionaries/ascii/mmcif_pdbx.dic 
# 
loop_
_database_2.database_id 
_database_2.database_code 
_database_2.pdbx_database_accession 
_database_2.pdbx_DOI 
PDB   2L8W         pdb_00002l8w 10.2210/pdb2l8w/pdb 
RCSB  RCSB102103   ?            ?                   
BMRB  17401        ?            10.13018/BMR17401   
WWPDB D_1000102103 ?            ?                   
# 
loop_
_pdbx_audit_revision_history.ordinal 
_pdbx_audit_revision_history.data_content_type 
_pdbx_audit_revision_history.major_revision 
_pdbx_audit_revision_history.minor_revision 
_pdbx_audit_revision_history.revision_date 
1 'Structure model' 1 0 2011-02-23 
2 'Structure model' 1 1 2011-07-13 
3 'Structure model' 1 2 2023-02-15 
4 'Structure model' 1 3 2023-06-14 
5 'Structure model' 1 4 2024-05-15 
# 
_pdbx_audit_revision_details.ordinal             1 
_pdbx_audit_revision_details.revision_ordinal    1 
_pdbx_audit_revision_details.data_content_type   'Structure model' 
_pdbx_audit_revision_details.provider            repository 
_pdbx_audit_revision_details.type                'Initial release' 
_pdbx_audit_revision_details.description         ? 
_pdbx_audit_revision_details.details             ? 
# 
loop_
_pdbx_audit_revision_group.ordinal 
_pdbx_audit_revision_group.revision_ordinal 
_pdbx_audit_revision_group.data_content_type 
_pdbx_audit_revision_group.group 
1 2 'Structure model' 'Version format compliance' 
2 3 'Structure model' 'Data collection'           
3 3 'Structure model' 'Database references'       
4 3 'Structure model' 'Source and taxonomy'       
5 4 'Structure model' Other                       
6 5 'Structure model' 'Data collection'           
7 5 'Structure model' 'Database references'       
# 
loop_
_pdbx_audit_revision_category.ordinal 
_pdbx_audit_revision_category.revision_ordinal 
_pdbx_audit_revision_category.data_content_type 
_pdbx_audit_revision_category.category 
1 3 'Structure model' database_2           
2 3 'Structure model' pdbx_entity_src_syn  
3 3 'Structure model' pdbx_nmr_software    
4 4 'Structure model' pdbx_database_status 
5 5 'Structure model' chem_comp_atom       
6 5 'Structure model' chem_comp_bond       
7 5 'Structure model' database_2           
# 
loop_
_pdbx_audit_revision_item.ordinal 
_pdbx_audit_revision_item.revision_ordinal 
_pdbx_audit_revision_item.data_content_type 
_pdbx_audit_revision_item.item 
1 3 'Structure model' '_database_2.pdbx_DOI'                       
2 3 'Structure model' '_database_2.pdbx_database_accession'        
3 3 'Structure model' '_pdbx_nmr_software.name'                    
4 4 'Structure model' '_pdbx_database_status.status_code_nmr_data' 
5 5 'Structure model' '_database_2.pdbx_DOI'                       
# 
_pdbx_database_status.deposit_site                    BMRB 
_pdbx_database_status.entry_id                        2L8W 
_pdbx_database_status.process_site                    RCSB 
_pdbx_database_status.recvd_initial_deposition_date   2011-01-26 
_pdbx_database_status.SG_entry                        ? 
_pdbx_database_status.status_code                     REL 
_pdbx_database_status.status_code_mr                  REL 
_pdbx_database_status.status_code_sf                  ? 
_pdbx_database_status.status_code_cs                  REL 
_pdbx_database_status.pdb_format_compatible           Y 
_pdbx_database_status.status_code_nmr_data            REL 
_pdbx_database_status.methods_development_category    ? 
# 
loop_
_pdbx_database_related.content_type 
_pdbx_database_related.db_id 
_pdbx_database_related.db_name 
_pdbx_database_related.details 
unspecified 17401 BMRB .                                       
unspecified 2L8C  PDB  'UU pair with zero hydrogen bond pairs' 
unspecified 2L8U  PDB  'UU pair with one hydrogen bond pair'   
# 
loop_
_audit_author.name 
_audit_author.pdbx_ordinal 
'Parkesh, R.'  1 
'Fountain, M.' 2 
'Disney, M.'   3 
# 
_citation.id                        primary 
_citation.title                     
;NMR Spectroscopy and Molecular Dynamics Simulation of r(CCGCUGCGG)(2) Reveal a Dynamic UU Internal Loop Found in Myotonic Dystrophy Type 1.
;
_citation.journal_abbrev            Biochemistry 
_citation.journal_volume            50 
_citation.page_first                599 
_citation.page_last                 601 
_citation.year                      2011 
_citation.journal_id_ASTM           BICHAW 
_citation.country                   US 
_citation.journal_id_ISSN           0006-2960 
_citation.journal_id_CSD            0033 
_citation.book_publisher            ? 
_citation.pdbx_database_id_PubMed   21204525 
_citation.pdbx_database_id_DOI      10.1021/bi101896j 
# 
loop_
_citation_author.citation_id 
_citation_author.name 
_citation_author.ordinal 
_citation_author.identifier_ORCID 
primary 'Parkesh, R.'  1 ? 
primary 'Fountain, M.' 2 ? 
primary 'Disney, M.D.' 3 ? 
# 
_entity.id                         1 
_entity.type                       polymer 
_entity.src_method                 syn 
_entity.pdbx_description           
;RNA (5'-R(*CP*CP*GP*CP*UP*GP*CP*GP*G)-3')
;
_entity.formula_weight             2862.759 
_entity.pdbx_number_of_molecules   2 
_entity.pdbx_ec                    ? 
_entity.pdbx_mutation              ? 
_entity.pdbx_fragment              ? 
_entity.details                    ? 
# 
_entity_poly.entity_id                      1 
_entity_poly.type                           polyribonucleotide 
_entity_poly.nstd_linkage                   no 
_entity_poly.nstd_monomer                   no 
_entity_poly.pdbx_seq_one_letter_code       CCGCUGCGG 
_entity_poly.pdbx_seq_one_letter_code_can   CCGCUGCGG 
_entity_poly.pdbx_strand_id                 A,B 
_entity_poly.pdbx_target_identifier         ? 
# 
loop_
_entity_poly_seq.entity_id 
_entity_poly_seq.num 
_entity_poly_seq.mon_id 
_entity_poly_seq.hetero 
1 1 C n 
1 2 C n 
1 3 G n 
1 4 C n 
1 5 U n 
1 6 G n 
1 7 C n 
1 8 G n 
1 9 G n 
# 
_pdbx_entity_src_syn.entity_id              1 
_pdbx_entity_src_syn.pdbx_src_id            1 
_pdbx_entity_src_syn.pdbx_alt_source_flag   sample 
_pdbx_entity_src_syn.pdbx_beg_seq_num       ? 
_pdbx_entity_src_syn.pdbx_end_seq_num       ? 
_pdbx_entity_src_syn.organism_scientific    'synthetic construct' 
_pdbx_entity_src_syn.organism_common_name   ? 
_pdbx_entity_src_syn.ncbi_taxonomy_id       32630 
_pdbx_entity_src_syn.details                ? 
# 
loop_
_chem_comp.id 
_chem_comp.type 
_chem_comp.mon_nstd_flag 
_chem_comp.name 
_chem_comp.pdbx_synonyms 
_chem_comp.formula 
_chem_comp.formula_weight 
C 'RNA linking' y "CYTIDINE-5'-MONOPHOSPHATE"  ? 'C9 H14 N3 O8 P'  323.197 
G 'RNA linking' y "GUANOSINE-5'-MONOPHOSPHATE" ? 'C10 H14 N5 O8 P' 363.221 
U 'RNA linking' y "URIDINE-5'-MONOPHOSPHATE"   ? 'C9 H13 N2 O9 P'  324.181 
# 
loop_
_pdbx_poly_seq_scheme.asym_id 
_pdbx_poly_seq_scheme.entity_id 
_pdbx_poly_seq_scheme.seq_id 
_pdbx_poly_seq_scheme.mon_id 
_pdbx_poly_seq_scheme.ndb_seq_num 
_pdbx_poly_seq_scheme.pdb_seq_num 
_pdbx_poly_seq_scheme.auth_seq_num 
_pdbx_poly_seq_scheme.pdb_mon_id 
_pdbx_poly_seq_scheme.auth_mon_id 
_pdbx_poly_seq_scheme.pdb_strand_id 
_pdbx_poly_seq_scheme.pdb_ins_code 
_pdbx_poly_seq_scheme.hetero 
A 1 1 C 1 1  1  C C A . n 
A 1 2 C 2 2  2  C C A . n 
A 1 3 G 3 3  3  G G A . n 
A 1 4 C 4 4  4  C C A . n 
A 1 5 U 5 5  5  U U A . n 
A 1 6 G 6 6  6  G G A . n 
A 1 7 C 7 7  7  C C A . n 
A 1 8 G 8 8  8  G G A . n 
A 1 9 G 9 9  9  G G A . n 
B 1 1 C 1 10 10 C C B . n 
B 1 2 C 2 11 11 C C B . n 
B 1 3 G 3 12 12 G G B . n 
B 1 4 C 4 13 13 C C B . n 
B 1 5 U 5 14 14 U U B . n 
B 1 6 G 6 15 15 G G B . n 
B 1 7 C 7 16 16 C C B . n 
B 1 8 G 8 17 17 G G B . n 
B 1 9 G 9 18 18 G G B . n 
# 
_exptl.absorpt_coefficient_mu     ? 
_exptl.absorpt_correction_T_max   ? 
_exptl.absorpt_correction_T_min   ? 
_exptl.absorpt_correction_type    ? 
_exptl.absorpt_process_details    ? 
_exptl.crystals_number            ? 
_exptl.details                    'Structure of r(CCGCUGCGG)2 containing a UU mismatch' 
_exptl.entry_id                   2L8W 
_exptl.method                     'SOLUTION NMR' 
_exptl.method_details             ? 
# 
_struct.entry_id                  2L8W 
_struct.title                     
'r(CCGCUGCGG)2 UU Internal Loop Found in Myotonic Dystrophy Type 1 - UU pair with two hydrogen bond pairs' 
_struct.pdbx_model_details        'fewest violations, model 1' 
_struct.pdbx_CASP_flag            ? 
_struct.pdbx_model_type_details   ? 
# 
_struct_keywords.entry_id        2L8W 
_struct_keywords.pdbx_keywords   RNA 
_struct_keywords.text            'UU mismatch, RNA' 
# 
loop_
_struct_asym.id 
_struct_asym.pdbx_blank_PDB_chainid_flag 
_struct_asym.pdbx_modified 
_struct_asym.entity_id 
_struct_asym.details 
A N N 1 ? 
B N N 1 ? 
# 
_struct_ref.id                         1 
_struct_ref.db_name                    PDB 
_struct_ref.db_code                    2L8W 
_struct_ref.pdbx_db_accession          2L8W 
_struct_ref.entity_id                  1 
_struct_ref.pdbx_align_begin           ? 
_struct_ref.pdbx_seq_one_letter_code   ? 
_struct_ref.pdbx_db_isoform            ? 
# 
loop_
_struct_ref_seq.align_id 
_struct_ref_seq.ref_id 
_struct_ref_seq.pdbx_PDB_id_code 
_struct_ref_seq.pdbx_strand_id 
_struct_ref_seq.seq_align_beg 
_struct_ref_seq.pdbx_seq_align_beg_ins_code 
_struct_ref_seq.seq_align_end 
_struct_ref_seq.pdbx_seq_align_end_ins_code 
_struct_ref_seq.pdbx_db_accession 
_struct_ref_seq.db_align_beg 
_struct_ref_seq.pdbx_db_align_beg_ins_code 
_struct_ref_seq.db_align_end 
_struct_ref_seq.pdbx_db_align_end_ins_code 
_struct_ref_seq.pdbx_auth_seq_align_beg 
_struct_ref_seq.pdbx_auth_seq_align_end 
1 1 2L8W A 1 ? 9 ? 2L8W 1  ? 9  ? 1  9  
2 1 2L8W B 1 ? 9 ? 2L8W 10 ? 18 ? 10 18 
# 
_pdbx_struct_assembly.id                   1 
_pdbx_struct_assembly.details              author_defined_assembly 
_pdbx_struct_assembly.method_details       ? 
_pdbx_struct_assembly.oligomeric_details   dimeric 
_pdbx_struct_assembly.oligomeric_count     2 
# 
_pdbx_struct_assembly_gen.assembly_id       1 
_pdbx_struct_assembly_gen.oper_expression   1 
_pdbx_struct_assembly_gen.asym_id_list      A,B 
# 
_pdbx_struct_oper_list.id                   1 
_pdbx_struct_oper_list.type                 'identity operation' 
_pdbx_struct_oper_list.name                 1_555 
_pdbx_struct_oper_list.symmetry_operation   x,y,z 
_pdbx_struct_oper_list.matrix[1][1]         1.0000000000 
_pdbx_struct_oper_list.matrix[1][2]         0.0000000000 
_pdbx_struct_oper_list.matrix[1][3]         0.0000000000 
_pdbx_struct_oper_list.vector[1]            0.0000000000 
_pdbx_struct_oper_list.matrix[2][1]         0.0000000000 
_pdbx_struct_oper_list.matrix[2][2]         1.0000000000 
_pdbx_struct_oper_list.matrix[2][3]         0.0000000000 
_pdbx_struct_oper_list.vector[2]            0.0000000000 
_pdbx_struct_oper_list.matrix[3][1]         0.0000000000 
_pdbx_struct_oper_list.matrix[3][2]         0.0000000000 
_pdbx_struct_oper_list.matrix[3][3]         1.0000000000 
_pdbx_struct_oper_list.vector[3]            0.0000000000 
# 
loop_
_struct_conn.id 
_struct_conn.conn_type_id 
_struct_conn.pdbx_leaving_atom_flag 
_struct_conn.pdbx_PDB_id 
_struct_conn.ptnr1_label_asym_id 
_struct_conn.ptnr1_label_comp_id 
_struct_conn.ptnr1_label_seq_id 
_struct_conn.ptnr1_label_atom_id 
_struct_conn.pdbx_ptnr1_label_alt_id 
_struct_conn.pdbx_ptnr1_PDB_ins_code 
_struct_conn.pdbx_ptnr1_standard_comp_id 
_struct_conn.ptnr1_symmetry 
_struct_conn.ptnr2_label_asym_id 
_struct_conn.ptnr2_label_comp_id 
_struct_conn.ptnr2_label_seq_id 
_struct_conn.ptnr2_label_atom_id 
_struct_conn.pdbx_ptnr2_label_alt_id 
_struct_conn.pdbx_ptnr2_PDB_ins_code 
_struct_conn.ptnr1_auth_asym_id 
_struct_conn.ptnr1_auth_comp_id 
_struct_conn.ptnr1_auth_seq_id 
_struct_conn.ptnr2_auth_asym_id 
_struct_conn.ptnr2_auth_comp_id 
_struct_conn.ptnr2_auth_seq_id 
_struct_conn.ptnr2_symmetry 
_struct_conn.pdbx_ptnr3_label_atom_id 
_struct_conn.pdbx_ptnr3_label_seq_id 
_struct_conn.pdbx_ptnr3_label_comp_id 
_struct_conn.pdbx_ptnr3_label_asym_id 
_struct_conn.pdbx_ptnr3_label_alt_id 
_struct_conn.pdbx_ptnr3_PDB_ins_code 
_struct_conn.details 
_struct_conn.pdbx_dist_value 
_struct_conn.pdbx_value_order 
_struct_conn.pdbx_role 
hydrog1  hydrog ? ? A C 1 N3 ? ? ? 1_555 B G 9 N1 ? ? A C 1 B G 18 1_555 ? ? ? ? ? ? WATSON-CRICK ? ? ? 
hydrog2  hydrog ? ? A C 1 N4 ? ? ? 1_555 B G 9 O6 ? ? A C 1 B G 18 1_555 ? ? ? ? ? ? WATSON-CRICK ? ? ? 
hydrog3  hydrog ? ? A C 1 O2 ? ? ? 1_555 B G 9 N2 ? ? A C 1 B G 18 1_555 ? ? ? ? ? ? WATSON-CRICK ? ? ? 
hydrog4  hydrog ? ? A C 2 N3 ? ? ? 1_555 B G 8 N1 ? ? A C 2 B G 17 1_555 ? ? ? ? ? ? WATSON-CRICK ? ? ? 
hydrog5  hydrog ? ? A C 2 N4 ? ? ? 1_555 B G 8 O6 ? ? A C 2 B G 17 1_555 ? ? ? ? ? ? WATSON-CRICK ? ? ? 
hydrog6  hydrog ? ? A C 2 O2 ? ? ? 1_555 B G 8 N2 ? ? A C 2 B G 17 1_555 ? ? ? ? ? ? WATSON-CRICK ? ? ? 
hydrog7  hydrog ? ? A G 3 N1 ? ? ? 1_555 B C 7 N3 ? ? A G 3 B C 16 1_555 ? ? ? ? ? ? WATSON-CRICK ? ? ? 
hydrog8  hydrog ? ? A G 3 N2 ? ? ? 1_555 B C 7 O2 ? ? A G 3 B C 16 1_555 ? ? ? ? ? ? WATSON-CRICK ? ? ? 
hydrog9  hydrog ? ? A G 3 O6 ? ? ? 1_555 B C 7 N4 ? ? A G 3 B C 16 1_555 ? ? ? ? ? ? WATSON-CRICK ? ? ? 
hydrog10 hydrog ? ? A C 4 N3 ? ? ? 1_555 B G 6 N1 ? ? A C 4 B G 15 1_555 ? ? ? ? ? ? WATSON-CRICK ? ? ? 
hydrog11 hydrog ? ? A C 4 N4 ? ? ? 1_555 B G 6 O6 ? ? A C 4 B G 15 1_555 ? ? ? ? ? ? WATSON-CRICK ? ? ? 
hydrog12 hydrog ? ? A C 4 O2 ? ? ? 1_555 B G 6 N2 ? ? A C 4 B G 15 1_555 ? ? ? ? ? ? WATSON-CRICK ? ? ? 
hydrog13 hydrog ? ? A U 5 N3 ? ? ? 1_555 B U 5 O4 ? ? A U 5 B U 14 1_555 ? ? ? ? ? ? TYPE_16_PAIR ? ? ? 
hydrog14 hydrog ? ? A U 5 O2 ? ? ? 1_555 B U 5 N3 ? ? A U 5 B U 14 1_555 ? ? ? ? ? ? TYPE_16_PAIR ? ? ? 
hydrog15 hydrog ? ? A G 6 N1 ? ? ? 1_555 B C 4 N3 ? ? A G 6 B C 13 1_555 ? ? ? ? ? ? WATSON-CRICK ? ? ? 
hydrog16 hydrog ? ? A G 6 N2 ? ? ? 1_555 B C 4 O2 ? ? A G 6 B C 13 1_555 ? ? ? ? ? ? WATSON-CRICK ? ? ? 
hydrog17 hydrog ? ? A G 6 O6 ? ? ? 1_555 B C 4 N4 ? ? A G 6 B C 13 1_555 ? ? ? ? ? ? WATSON-CRICK ? ? ? 
hydrog18 hydrog ? ? A C 7 N3 ? ? ? 1_555 B G 3 N1 ? ? A C 7 B G 12 1_555 ? ? ? ? ? ? WATSON-CRICK ? ? ? 
hydrog19 hydrog ? ? A C 7 N4 ? ? ? 1_555 B G 3 O6 ? ? A C 7 B G 12 1_555 ? ? ? ? ? ? WATSON-CRICK ? ? ? 
hydrog20 hydrog ? ? A C 7 O2 ? ? ? 1_555 B G 3 N2 ? ? A C 7 B G 12 1_555 ? ? ? ? ? ? WATSON-CRICK ? ? ? 
hydrog21 hydrog ? ? A G 8 N1 ? ? ? 1_555 B C 2 N3 ? ? A G 8 B C 11 1_555 ? ? ? ? ? ? WATSON-CRICK ? ? ? 
hydrog22 hydrog ? ? A G 8 N2 ? ? ? 1_555 B C 2 O2 ? ? A G 8 B C 11 1_555 ? ? ? ? ? ? WATSON-CRICK ? ? ? 
hydrog23 hydrog ? ? A G 8 O6 ? ? ? 1_555 B C 2 N4 ? ? A G 8 B C 11 1_555 ? ? ? ? ? ? WATSON-CRICK ? ? ? 
hydrog24 hydrog ? ? A G 9 N1 ? ? ? 1_555 B C 1 N3 ? ? A G 9 B C 10 1_555 ? ? ? ? ? ? WATSON-CRICK ? ? ? 
hydrog25 hydrog ? ? A G 9 N2 ? ? ? 1_555 B C 1 O2 ? ? A G 9 B C 10 1_555 ? ? ? ? ? ? WATSON-CRICK ? ? ? 
hydrog26 hydrog ? ? A G 9 O6 ? ? ? 1_555 B C 1 N4 ? ? A G 9 B C 10 1_555 ? ? ? ? ? ? WATSON-CRICK ? ? ? 
# 
_struct_conn_type.id          hydrog 
_struct_conn_type.criteria    ? 
_struct_conn_type.reference   ? 
# 
loop_
_pdbx_validate_rmsd_bond.id 
_pdbx_validate_rmsd_bond.PDB_model_num 
_pdbx_validate_rmsd_bond.auth_atom_id_1 
_pdbx_validate_rmsd_bond.auth_asym_id_1 
_pdbx_validate_rmsd_bond.auth_comp_id_1 
_pdbx_validate_rmsd_bond.auth_seq_id_1 
_pdbx_validate_rmsd_bond.PDB_ins_code_1 
_pdbx_validate_rmsd_bond.label_alt_id_1 
_pdbx_validate_rmsd_bond.auth_atom_id_2 
_pdbx_validate_rmsd_bond.auth_asym_id_2 
_pdbx_validate_rmsd_bond.auth_comp_id_2 
_pdbx_validate_rmsd_bond.auth_seq_id_2 
_pdbx_validate_rmsd_bond.PDB_ins_code_2 
_pdbx_validate_rmsd_bond.label_alt_id_2 
_pdbx_validate_rmsd_bond.bond_value 
_pdbx_validate_rmsd_bond.bond_target_value 
_pdbx_validate_rmsd_bond.bond_deviation 
_pdbx_validate_rmsd_bond.bond_standard_deviation 
_pdbx_validate_rmsd_bond.linker_flag 
1  1 "C5'" A C 2  ? ? "C4'" A C 2  ? ? 1.588 1.509 0.079  0.012 N 
2  1 "O3'" A C 2  ? ? P     A G 3  ? ? 1.525 1.607 -0.082 0.012 Y 
3  1 P     A G 3  ? ? "O5'" A G 3  ? ? 1.655 1.593 0.062  0.010 N 
4  1 C4    A G 3  ? ? C5    A G 3  ? ? 1.421 1.379 0.042  0.007 N 
5  1 "C5'" A U 5  ? ? "C4'" A U 5  ? ? 1.597 1.509 0.088  0.012 N 
6  1 C2    A U 5  ? ? N3    A U 5  ? ? 1.423 1.373 0.050  0.007 N 
7  1 C4    A G 6  ? ? C5    A G 6  ? ? 1.421 1.379 0.042  0.007 N 
8  1 C8    A G 6  ? ? N9    A G 6  ? ? 1.424 1.374 0.050  0.007 N 
9  1 N3    A G 8  ? ? C4    A G 8  ? ? 1.403 1.350 0.053  0.007 N 
10 1 C6    A G 8  ? ? N1    A G 8  ? ? 1.338 1.391 -0.053 0.007 N 
11 1 "C5'" A G 9  ? ? "C4'" A G 9  ? ? 1.464 1.508 -0.044 0.007 N 
12 1 N3    A G 9  ? ? C4    A G 9  ? ? 1.420 1.350 0.070  0.007 N 
13 1 C6    A G 9  ? ? N1    A G 9  ? ? 1.342 1.391 -0.049 0.007 N 
14 1 C2    A G 9  ? ? N2    A G 9  ? ? 1.229 1.341 -0.112 0.010 N 
15 1 "O4'" B C 10 ? ? "C4'" B C 10 ? ? 1.335 1.451 -0.116 0.013 N 
16 1 N1    B C 10 ? ? C2    B C 10 ? ? 1.315 1.397 -0.082 0.010 N 
17 1 N3    B C 10 ? ? C4    B C 10 ? ? 1.285 1.335 -0.050 0.007 N 
18 1 C5    B C 10 ? ? C6    B C 10 ? ? 1.399 1.339 0.060  0.008 N 
19 1 P     B C 11 ? ? "O5'" B C 11 ? ? 1.658 1.593 0.065  0.010 N 
20 1 C4    B C 11 ? ? N4    B C 11 ? ? 1.249 1.335 -0.086 0.009 N 
21 1 C4    B C 11 ? ? C5    B C 11 ? ? 1.477 1.425 0.052  0.008 N 
22 1 "O3'" B C 11 ? ? P     B G 12 ? ? 1.534 1.607 -0.073 0.012 Y 
23 1 C2    B G 12 ? ? N3    B G 12 ? ? 1.372 1.323 0.049  0.008 N 
24 1 C5    B G 12 ? ? N7    B G 12 ? ? 1.351 1.388 -0.037 0.006 N 
25 1 C8    B G 12 ? ? N9    B G 12 ? ? 1.455 1.374 0.081  0.007 N 
26 1 C2    B G 12 ? ? N2    B G 12 ? ? 1.272 1.341 -0.069 0.010 N 
27 1 P     B U 14 ? ? "O5'" B U 14 ? ? 1.512 1.593 -0.081 0.010 N 
28 1 N1    B G 15 ? ? C2    B G 15 ? ? 1.309 1.373 -0.064 0.008 N 
29 1 C5    B G 15 ? ? N7    B G 15 ? ? 1.430 1.388 0.042  0.006 N 
30 1 C2    B G 15 ? ? N2    B G 15 ? ? 1.270 1.341 -0.071 0.010 N 
31 1 C6    B G 18 ? ? N1    B G 18 ? ? 1.447 1.391 0.056  0.007 N 
32 1 C5    B G 18 ? ? N7    B G 18 ? ? 1.428 1.388 0.040  0.006 N 
# 
loop_
_pdbx_validate_rmsd_angle.id 
_pdbx_validate_rmsd_angle.PDB_model_num 
_pdbx_validate_rmsd_angle.auth_atom_id_1 
_pdbx_validate_rmsd_angle.auth_asym_id_1 
_pdbx_validate_rmsd_angle.auth_comp_id_1 
_pdbx_validate_rmsd_angle.auth_seq_id_1 
_pdbx_validate_rmsd_angle.PDB_ins_code_1 
_pdbx_validate_rmsd_angle.label_alt_id_1 
_pdbx_validate_rmsd_angle.auth_atom_id_2 
_pdbx_validate_rmsd_angle.auth_asym_id_2 
_pdbx_validate_rmsd_angle.auth_comp_id_2 
_pdbx_validate_rmsd_angle.auth_seq_id_2 
_pdbx_validate_rmsd_angle.PDB_ins_code_2 
_pdbx_validate_rmsd_angle.label_alt_id_2 
_pdbx_validate_rmsd_angle.auth_atom_id_3 
_pdbx_validate_rmsd_angle.auth_asym_id_3 
_pdbx_validate_rmsd_angle.auth_comp_id_3 
_pdbx_validate_rmsd_angle.auth_seq_id_3 
_pdbx_validate_rmsd_angle.PDB_ins_code_3 
_pdbx_validate_rmsd_angle.label_alt_id_3 
_pdbx_validate_rmsd_angle.angle_value 
_pdbx_validate_rmsd_angle.angle_target_value 
_pdbx_validate_rmsd_angle.angle_deviation 
_pdbx_validate_rmsd_angle.angle_standard_deviation 
_pdbx_validate_rmsd_angle.linker_flag 
1  1 "C3'" A C 1  ? ? "C2'" A C 1  ? ? "C1'" A C 1  ? ? 96.81  101.30 -4.49  0.70 N 
2  1 N3    A C 1  ? ? C2    A C 1  ? ? O2    A C 1  ? ? 116.10 121.90 -5.80  0.70 N 
3  1 "O4'" A C 2  ? ? "C1'" A C 2  ? ? N1    A C 2  ? ? 113.00 108.50 4.50   0.70 N 
4  1 C6    A C 2  ? ? N1    A C 2  ? ? C2    A C 2  ? ? 123.23 120.30 2.93   0.40 N 
5  1 C5    A C 2  ? ? C6    A C 2  ? ? N1    A C 2  ? ? 116.91 121.00 -4.09  0.50 N 
6  1 N1    A C 2  ? ? C2    A C 2  ? ? O2    A C 2  ? ? 125.91 118.90 7.01   0.60 N 
7  1 N3    A C 2  ? ? C2    A C 2  ? ? O2    A C 2  ? ? 114.93 121.90 -6.97  0.70 N 
8  1 "O4'" A G 3  ? ? "C1'" A G 3  ? ? N9    A G 3  ? ? 102.10 108.20 -6.10  0.80 N 
9  1 C5    A G 3  ? ? C6    A G 3  ? ? N1    A G 3  ? ? 116.16 111.50 4.66   0.50 N 
10 1 C5    A G 3  ? ? N7    A G 3  ? ? C8    A G 3  ? ? 100.08 104.30 -4.22  0.50 N 
11 1 N7    A G 3  ? ? C8    A G 3  ? ? N9    A G 3  ? ? 116.59 113.10 3.49   0.50 N 
12 1 N1    A G 3  ? ? C6    A G 3  ? ? O6    A G 3  ? ? 114.71 119.90 -5.19  0.60 N 
13 1 "O4'" A C 4  ? ? "C1'" A C 4  ? ? N1    A C 4  ? ? 116.00 108.50 7.50   0.70 N 
14 1 N3    A C 4  ? ? C4    A C 4  ? ? C5    A C 4  ? ? 124.83 121.90 2.93   0.40 N 
15 1 N3    A C 4  ? ? C2    A C 4  ? ? O2    A C 4  ? ? 116.79 121.90 -5.11  0.70 N 
16 1 "O4'" A U 5  ? ? "C1'" A U 5  ? ? N1    A U 5  ? ? 116.59 108.50 8.09   0.70 N 
17 1 N1    A U 5  ? ? C2    A U 5  ? ? O2    A U 5  ? ? 131.55 122.80 8.75   0.70 N 
18 1 N3    A U 5  ? ? C2    A U 5  ? ? O2    A U 5  ? ? 113.46 122.20 -8.74  0.70 N 
19 1 "C5'" A G 6  ? ? "C4'" A G 6  ? ? "C3'" A G 6  ? ? 106.31 115.20 -8.89  1.40 N 
20 1 "O4'" A G 6  ? ? "C1'" A G 6  ? ? "C2'" A G 6  ? ? 113.86 107.60 6.26   0.90 N 
21 1 C5    A G 6  ? ? C6    A G 6  ? ? N1    A G 6  ? ? 115.62 111.50 4.12   0.50 N 
22 1 N3    A G 6  ? ? C2    A G 6  ? ? N2    A G 6  ? ? 114.80 119.90 -5.10  0.70 N 
23 1 N1    A G 6  ? ? C6    A G 6  ? ? O6    A G 6  ? ? 114.45 119.90 -5.45  0.60 N 
24 1 "C5'" A C 7  ? ? "C4'" A C 7  ? ? "O4'" A C 7  ? ? 120.14 109.80 10.34  0.90 N 
25 1 "O4'" A C 7  ? ? "C1'" A C 7  ? ? N1    A C 7  ? ? 112.72 108.50 4.22   0.70 N 
26 1 N9    A G 8  ? ? "C1'" A G 8  ? ? "C2'" A G 8  ? ? 102.41 112.00 -9.59  1.10 N 
27 1 "O4'" A G 8  ? ? "C1'" A G 8  ? ? N9    A G 8  ? ? 117.71 108.50 9.21   0.70 N 
28 1 C5    A G 8  ? ? N7    A G 8  ? ? C8    A G 8  ? ? 100.96 104.30 -3.34  0.50 N 
29 1 N7    A G 8  ? ? C8    A G 8  ? ? N9    A G 8  ? ? 117.46 113.10 4.36   0.50 N 
30 1 C8    A G 8  ? ? N9    A G 8  ? ? C4    A G 8  ? ? 103.75 106.40 -2.65  0.40 N 
31 1 "O4'" B C 10 ? ? "C4'" B C 10 ? ? "C3'" B C 10 ? ? 111.23 106.10 5.13   0.80 N 
32 1 N1    B C 10 ? ? "C1'" B C 10 ? ? "C2'" B C 10 ? ? 104.64 112.00 -7.36  1.10 N 
33 1 "O4'" B C 10 ? ? "C1'" B C 10 ? ? N1    B C 10 ? ? 113.83 108.50 5.33   0.70 N 
34 1 N1    B C 10 ? ? C2    B C 10 ? ? N3    B C 10 ? ? 124.21 119.20 5.01   0.70 N 
35 1 C2    B C 10 ? ? N3    B C 10 ? ? C4    B C 10 ? ? 115.47 119.90 -4.43  0.50 N 
36 1 C5    B C 10 ? ? C6    B C 10 ? ? N1    B C 10 ? ? 116.51 121.00 -4.49  0.50 N 
37 1 N3    B C 10 ? ? C2    B C 10 ? ? O2    B C 10 ? ? 117.37 121.90 -4.53  0.70 N 
38 1 C6    B C 11 ? ? N1    B C 11 ? ? C2    B C 11 ? ? 116.61 120.30 -3.69  0.40 N 
39 1 N1    B C 11 ? ? C2    B C 11 ? ? N3    B C 11 ? ? 125.10 119.20 5.90   0.70 N 
40 1 N3    B C 11 ? ? C4    B C 11 ? ? C5    B C 11 ? ? 119.39 121.90 -2.51  0.40 N 
41 1 N3    B C 11 ? ? C2    B C 11 ? ? O2    B C 11 ? ? 114.81 121.90 -7.09  0.70 N 
42 1 C5    B C 11 ? ? C4    B C 11 ? ? N4    B C 11 ? ? 125.47 120.20 5.27   0.70 N 
43 1 C6    B G 12 ? ? N1    B G 12 ? ? C2    B G 12 ? ? 119.70 125.10 -5.40  0.60 N 
44 1 C5    B G 12 ? ? C6    B G 12 ? ? N1    B G 12 ? ? 117.17 111.50 5.67   0.50 N 
45 1 C8    B G 12 ? ? N9    B G 12 ? ? C4    B G 12 ? ? 103.67 106.40 -2.73  0.40 N 
46 1 C6    B C 13 ? ? N1    B C 13 ? ? C2    B C 13 ? ? 117.16 120.30 -3.14  0.40 N 
47 1 N1    B C 13 ? ? C2    B C 13 ? ? N3    B C 13 ? ? 123.86 119.20 4.66   0.70 N 
48 1 C2    B C 13 ? ? N3    B C 13 ? ? C4    B C 13 ? ? 116.81 119.90 -3.09  0.50 N 
49 1 C4    B C 13 ? ? C5    B C 13 ? ? C6    B C 13 ? ? 120.75 117.40 3.35   0.50 N 
50 1 N3    B C 13 ? ? C2    B C 13 ? ? O2    B C 13 ? ? 114.54 121.90 -7.36  0.70 N 
51 1 "C5'" B U 14 ? ? "C4'" B U 14 ? ? "O4'" B U 14 ? ? 115.39 109.80 5.59   0.90 N 
52 1 "O4'" B U 14 ? ? "C1'" B U 14 ? ? N1    B U 14 ? ? 112.83 108.50 4.33   0.70 N 
53 1 N3    B U 14 ? ? C4    B U 14 ? ? C5    B U 14 ? ? 111.00 114.60 -3.60  0.60 N 
54 1 C4    B U 14 ? ? C5    B U 14 ? ? C6    B U 14 ? ? 124.66 119.70 4.96   0.60 N 
55 1 N3    B U 14 ? ? C4    B U 14 ? ? O4    B U 14 ? ? 124.05 119.40 4.65   0.70 N 
56 1 N3    B G 15 ? ? C4    B G 15 ? ? C5    B G 15 ? ? 125.03 128.60 -3.57  0.50 N 
57 1 C4    B G 15 ? ? C5    B G 15 ? ? N7    B G 15 ? ? 107.44 110.80 -3.36  0.40 N 
58 1 "C5'" B C 16 ? ? "C4'" B C 16 ? ? "C3'" B C 16 ? ? 104.39 115.20 -10.81 1.40 N 
59 1 "C5'" B C 16 ? ? "C4'" B C 16 ? ? "O4'" B C 16 ? ? 117.23 109.80 7.43   0.90 N 
60 1 "O4'" B C 16 ? ? "C1'" B C 16 ? ? N1    B C 16 ? ? 119.23 108.50 10.73  0.70 N 
61 1 C2    B C 16 ? ? N3    B C 16 ? ? C4    B C 16 ? ? 124.82 119.90 4.92   0.50 N 
62 1 N3    B C 16 ? ? C4    B C 16 ? ? C5    B C 16 ? ? 117.13 121.90 -4.77  0.40 N 
63 1 N1    B C 16 ? ? C2    B C 16 ? ? O2    B C 16 ? ? 125.01 118.90 6.11   0.60 N 
64 1 N3    B C 16 ? ? C2    B C 16 ? ? O2    B C 16 ? ? 116.83 121.90 -5.07  0.70 N 
65 1 "C5'" B G 17 ? ? "C4'" B G 17 ? ? "O4'" B G 17 ? ? 117.53 109.80 7.73   0.90 N 
66 1 "O4'" B G 18 ? ? "C1'" B G 18 ? ? N9    B G 18 ? ? 114.96 108.50 6.46   0.70 N 
67 1 N1    B G 18 ? ? C2    B G 18 ? ? N3    B G 18 ? ? 128.26 123.90 4.36   0.60 N 
68 1 C2    B G 18 ? ? N3    B G 18 ? ? C4    B G 18 ? ? 108.44 111.90 -3.46  0.50 N 
69 1 N3    B G 18 ? ? C4    B G 18 ? ? C5    B G 18 ? ? 131.62 128.60 3.02   0.50 N 
70 1 N1    B G 18 ? ? C6    B G 18 ? ? O6    B G 18 ? ? 116.25 119.90 -3.65  0.60 N 
# 
loop_
_pdbx_validate_planes.id 
_pdbx_validate_planes.PDB_model_num 
_pdbx_validate_planes.auth_comp_id 
_pdbx_validate_planes.auth_asym_id 
_pdbx_validate_planes.auth_seq_id 
_pdbx_validate_planes.PDB_ins_code 
_pdbx_validate_planes.label_alt_id 
_pdbx_validate_planes.rmsd 
_pdbx_validate_planes.type 
1  1 G A 3  ? ? 0.066 'SIDE CHAIN' 
2  1 U A 5  ? ? 0.111 'SIDE CHAIN' 
3  1 G A 8  ? ? 0.087 'SIDE CHAIN' 
4  1 G A 9  ? ? 0.062 'SIDE CHAIN' 
5  1 C B 11 ? ? 0.076 'SIDE CHAIN' 
6  1 C B 13 ? ? 0.074 'SIDE CHAIN' 
7  1 U B 14 ? ? 0.105 'SIDE CHAIN' 
8  1 G B 15 ? ? 0.068 'SIDE CHAIN' 
9  1 C B 16 ? ? 0.070 'SIDE CHAIN' 
10 1 G B 18 ? ? 0.083 'SIDE CHAIN' 
# 
_pdbx_nmr_ensemble.average_constraint_violations_per_residue     ? 
_pdbx_nmr_ensemble.average_constraints_per_residue               ? 
_pdbx_nmr_ensemble.average_distance_constraint_violation         ? 
_pdbx_nmr_ensemble.average_torsion_angle_constraint_violation    ? 
_pdbx_nmr_ensemble.conformer_selection_criteria                  'structures with acceptable covalent geometry' 
_pdbx_nmr_ensemble.conformers_calculated_total_number            25 
_pdbx_nmr_ensemble.conformers_submitted_total_number             1 
_pdbx_nmr_ensemble.distance_constraint_violation_method          ? 
_pdbx_nmr_ensemble.entry_id                                      2L8W 
_pdbx_nmr_ensemble.maximum_distance_constraint_violation         ? 
_pdbx_nmr_ensemble.maximum_lower_distance_constraint_violation   ? 
_pdbx_nmr_ensemble.maximum_torsion_angle_constraint_violation    ? 
_pdbx_nmr_ensemble.maximum_upper_distance_constraint_violation   ? 
_pdbx_nmr_ensemble.torsion_angle_constraint_violation_method     ? 
# 
_pdbx_nmr_representative.conformer_id         1 
_pdbx_nmr_representative.entry_id             2L8W 
_pdbx_nmr_representative.selection_criteria   'fewest violations' 
# 
_pdbx_nmr_sample_details.contents         
;1.5 mM RNA (5'-R(*CP*CP*GP*CP*UP*GP*CP*GP*G)-3'), 100% D2O
;
_pdbx_nmr_sample_details.solution_id      1 
_pdbx_nmr_sample_details.solvent_system   '100% D2O' 
# 
_pdbx_nmr_exptl_sample.component             
;RNA (5'-R(*CP*CP*GP*CP*UP*GP*CP*GP*G)-3')-1
;
_pdbx_nmr_exptl_sample.concentration         1.5 
_pdbx_nmr_exptl_sample.concentration_range   ? 
_pdbx_nmr_exptl_sample.concentration_units   mM 
_pdbx_nmr_exptl_sample.isotopic_labeling     ? 
_pdbx_nmr_exptl_sample.solution_id           1 
# 
_pdbx_nmr_exptl_sample_conditions.conditions_id       1 
_pdbx_nmr_exptl_sample_conditions.ionic_strength      0.01 
_pdbx_nmr_exptl_sample_conditions.pH                  7.2 
_pdbx_nmr_exptl_sample_conditions.pressure            ambient 
_pdbx_nmr_exptl_sample_conditions.pressure_units      ? 
_pdbx_nmr_exptl_sample_conditions.temperature         313 
_pdbx_nmr_exptl_sample_conditions.temperature_units   K 
# 
loop_
_pdbx_nmr_exptl.conditions_id 
_pdbx_nmr_exptl.experiment_id 
_pdbx_nmr_exptl.solution_id 
_pdbx_nmr_exptl.type 
1 1 1 '2D 1H-1H NOESY' 
1 2 1 '2D 1H-1H TOCSY' 
1 3 1 '2D DQF-COSY'    
# 
_pdbx_nmr_refine.entry_id           2L8W 
_pdbx_nmr_refine.method             'molecular dynamics' 
_pdbx_nmr_refine.details            ? 
_pdbx_nmr_refine.software_ordinal   1 
# 
loop_
_pdbx_nmr_software.authors 
_pdbx_nmr_software.classification 
_pdbx_nmr_software.name 
_pdbx_nmr_software.version 
_pdbx_nmr_software.ordinal 
'Guntert, Mumenthaler and Wuthrich'                                   'geometry optimization' CYANA  2.1   1 
'Case, Darden, Cheatham, III, Simmerling, Wang, Duke, Luo, and Kollm' refinement              Amber  11    2 
Varian                                                                collection              VnmrJ  6.1   3 
Goddard                                                               'data analysis'         Sparky 3.111 4 
# 
loop_
_chem_comp_atom.comp_id 
_chem_comp_atom.atom_id 
_chem_comp_atom.type_symbol 
_chem_comp_atom.pdbx_aromatic_flag 
_chem_comp_atom.pdbx_stereo_config 
_chem_comp_atom.pdbx_ordinal 
C OP3    O N N 1   
C P      P N N 2   
C OP1    O N N 3   
C OP2    O N N 4   
C "O5'"  O N N 5   
C "C5'"  C N N 6   
C "C4'"  C N R 7   
C "O4'"  O N N 8   
C "C3'"  C N S 9   
C "O3'"  O N N 10  
C "C2'"  C N R 11  
C "O2'"  O N N 12  
C "C1'"  C N R 13  
C N1     N N N 14  
C C2     C N N 15  
C O2     O N N 16  
C N3     N N N 17  
C C4     C N N 18  
C N4     N N N 19  
C C5     C N N 20  
C C6     C N N 21  
C HOP3   H N N 22  
C HOP2   H N N 23  
C "H5'"  H N N 24  
C "H5''" H N N 25  
C "H4'"  H N N 26  
C "H3'"  H N N 27  
C "HO3'" H N N 28  
C "H2'"  H N N 29  
C "HO2'" H N N 30  
C "H1'"  H N N 31  
C H41    H N N 32  
C H42    H N N 33  
C H5     H N N 34  
C H6     H N N 35  
G OP3    O N N 36  
G P      P N N 37  
G OP1    O N N 38  
G OP2    O N N 39  
G "O5'"  O N N 40  
G "C5'"  C N N 41  
G "C4'"  C N R 42  
G "O4'"  O N N 43  
G "C3'"  C N S 44  
G "O3'"  O N N 45  
G "C2'"  C N R 46  
G "O2'"  O N N 47  
G "C1'"  C N R 48  
G N9     N Y N 49  
G C8     C Y N 50  
G N7     N Y N 51  
G C5     C Y N 52  
G C6     C N N 53  
G O6     O N N 54  
G N1     N N N 55  
G C2     C N N 56  
G N2     N N N 57  
G N3     N N N 58  
G C4     C Y N 59  
G HOP3   H N N 60  
G HOP2   H N N 61  
G "H5'"  H N N 62  
G "H5''" H N N 63  
G "H4'"  H N N 64  
G "H3'"  H N N 65  
G "HO3'" H N N 66  
G "H2'"  H N N 67  
G "HO2'" H N N 68  
G "H1'"  H N N 69  
G H8     H N N 70  
G H1     H N N 71  
G H21    H N N 72  
G H22    H N N 73  
U OP3    O N N 74  
U P      P N N 75  
U OP1    O N N 76  
U OP2    O N N 77  
U "O5'"  O N N 78  
U "C5'"  C N N 79  
U "C4'"  C N R 80  
U "O4'"  O N N 81  
U "C3'"  C N S 82  
U "O3'"  O N N 83  
U "C2'"  C N R 84  
U "O2'"  O N N 85  
U "C1'"  C N R 86  
U N1     N N N 87  
U C2     C N N 88  
U O2     O N N 89  
U N3     N N N 90  
U C4     C N N 91  
U O4     O N N 92  
U C5     C N N 93  
U C6     C N N 94  
U HOP3   H N N 95  
U HOP2   H N N 96  
U "H5'"  H N N 97  
U "H5''" H N N 98  
U "H4'"  H N N 99  
U "H3'"  H N N 100 
U "HO3'" H N N 101 
U "H2'"  H N N 102 
U "HO2'" H N N 103 
U "H1'"  H N N 104 
U H3     H N N 105 
U H5     H N N 106 
U H6     H N N 107 
# 
loop_
_chem_comp_bond.comp_id 
_chem_comp_bond.atom_id_1 
_chem_comp_bond.atom_id_2 
_chem_comp_bond.value_order 
_chem_comp_bond.pdbx_aromatic_flag 
_chem_comp_bond.pdbx_stereo_config 
_chem_comp_bond.pdbx_ordinal 
C OP3   P      sing N N 1   
C OP3   HOP3   sing N N 2   
C P     OP1    doub N N 3   
C P     OP2    sing N N 4   
C P     "O5'"  sing N N 5   
C OP2   HOP2   sing N N 6   
C "O5'" "C5'"  sing N N 7   
C "C5'" "C4'"  sing N N 8   
C "C5'" "H5'"  sing N N 9   
C "C5'" "H5''" sing N N 10  
C "C4'" "O4'"  sing N N 11  
C "C4'" "C3'"  sing N N 12  
C "C4'" "H4'"  sing N N 13  
C "O4'" "C1'"  sing N N 14  
C "C3'" "O3'"  sing N N 15  
C "C3'" "C2'"  sing N N 16  
C "C3'" "H3'"  sing N N 17  
C "O3'" "HO3'" sing N N 18  
C "C2'" "O2'"  sing N N 19  
C "C2'" "C1'"  sing N N 20  
C "C2'" "H2'"  sing N N 21  
C "O2'" "HO2'" sing N N 22  
C "C1'" N1     sing N N 23  
C "C1'" "H1'"  sing N N 24  
C N1    C2     sing N N 25  
C N1    C6     sing N N 26  
C C2    O2     doub N N 27  
C C2    N3     sing N N 28  
C N3    C4     doub N N 29  
C C4    N4     sing N N 30  
C C4    C5     sing N N 31  
C N4    H41    sing N N 32  
C N4    H42    sing N N 33  
C C5    C6     doub N N 34  
C C5    H5     sing N N 35  
C C6    H6     sing N N 36  
G OP3   P      sing N N 37  
G OP3   HOP3   sing N N 38  
G P     OP1    doub N N 39  
G P     OP2    sing N N 40  
G P     "O5'"  sing N N 41  
G OP2   HOP2   sing N N 42  
G "O5'" "C5'"  sing N N 43  
G "C5'" "C4'"  sing N N 44  
G "C5'" "H5'"  sing N N 45  
G "C5'" "H5''" sing N N 46  
G "C4'" "O4'"  sing N N 47  
G "C4'" "C3'"  sing N N 48  
G "C4'" "H4'"  sing N N 49  
G "O4'" "C1'"  sing N N 50  
G "C3'" "O3'"  sing N N 51  
G "C3'" "C2'"  sing N N 52  
G "C3'" "H3'"  sing N N 53  
G "O3'" "HO3'" sing N N 54  
G "C2'" "O2'"  sing N N 55  
G "C2'" "C1'"  sing N N 56  
G "C2'" "H2'"  sing N N 57  
G "O2'" "HO2'" sing N N 58  
G "C1'" N9     sing N N 59  
G "C1'" "H1'"  sing N N 60  
G N9    C8     sing Y N 61  
G N9    C4     sing Y N 62  
G C8    N7     doub Y N 63  
G C8    H8     sing N N 64  
G N7    C5     sing Y N 65  
G C5    C6     sing N N 66  
G C5    C4     doub Y N 67  
G C6    O6     doub N N 68  
G C6    N1     sing N N 69  
G N1    C2     sing N N 70  
G N1    H1     sing N N 71  
G C2    N2     sing N N 72  
G C2    N3     doub N N 73  
G N2    H21    sing N N 74  
G N2    H22    sing N N 75  
G N3    C4     sing N N 76  
U OP3   P      sing N N 77  
U OP3   HOP3   sing N N 78  
U P     OP1    doub N N 79  
U P     OP2    sing N N 80  
U P     "O5'"  sing N N 81  
U OP2   HOP2   sing N N 82  
U "O5'" "C5'"  sing N N 83  
U "C5'" "C4'"  sing N N 84  
U "C5'" "H5'"  sing N N 85  
U "C5'" "H5''" sing N N 86  
U "C4'" "O4'"  sing N N 87  
U "C4'" "C3'"  sing N N 88  
U "C4'" "H4'"  sing N N 89  
U "O4'" "C1'"  sing N N 90  
U "C3'" "O3'"  sing N N 91  
U "C3'" "C2'"  sing N N 92  
U "C3'" "H3'"  sing N N 93  
U "O3'" "HO3'" sing N N 94  
U "C2'" "O2'"  sing N N 95  
U "C2'" "C1'"  sing N N 96  
U "C2'" "H2'"  sing N N 97  
U "O2'" "HO2'" sing N N 98  
U "C1'" N1     sing N N 99  
U "C1'" "H1'"  sing N N 100 
U N1    C2     sing N N 101 
U N1    C6     sing N N 102 
U C2    O2     doub N N 103 
U C2    N3     sing N N 104 
U N3    C4     sing N N 105 
U N3    H3     sing N N 106 
U C4    O4     doub N N 107 
U C4    C5     sing N N 108 
U C5    C6     doub N N 109 
U C5    H5     sing N N 110 
U C6    H6     sing N N 111 
# 
loop_
_ndb_struct_conf_na.entry_id 
_ndb_struct_conf_na.feature 
2L8W 'double helix'         
2L8W 'a-form double helix'  
2L8W 'mismatched base pair' 
# 
loop_
_ndb_struct_na_base_pair.model_number 
_ndb_struct_na_base_pair.i_label_asym_id 
_ndb_struct_na_base_pair.i_label_comp_id 
_ndb_struct_na_base_pair.i_label_seq_id 
_ndb_struct_na_base_pair.i_symmetry 
_ndb_struct_na_base_pair.j_label_asym_id 
_ndb_struct_na_base_pair.j_label_comp_id 
_ndb_struct_na_base_pair.j_label_seq_id 
_ndb_struct_na_base_pair.j_symmetry 
_ndb_struct_na_base_pair.shear 
_ndb_struct_na_base_pair.stretch 
_ndb_struct_na_base_pair.stagger 
_ndb_struct_na_base_pair.buckle 
_ndb_struct_na_base_pair.propeller 
_ndb_struct_na_base_pair.opening 
_ndb_struct_na_base_pair.pair_number 
_ndb_struct_na_base_pair.pair_name 
_ndb_struct_na_base_pair.i_auth_asym_id 
_ndb_struct_na_base_pair.i_auth_seq_id 
_ndb_struct_na_base_pair.i_PDB_ins_code 
_ndb_struct_na_base_pair.j_auth_asym_id 
_ndb_struct_na_base_pair.j_auth_seq_id 
_ndb_struct_na_base_pair.j_PDB_ins_code 
_ndb_struct_na_base_pair.hbond_type_28 
_ndb_struct_na_base_pair.hbond_type_12 
1 A C 1 1_555 B G 9 1_555 -0.130 0.025  -0.949 29.387  -33.772 8.619  1 A_C1:G18_B A 1 ? B 18 ? 19 1 
1 A C 2 1_555 B G 8 1_555 0.230  -0.120 -0.137 -1.391  -10.067 0.419  2 A_C2:G17_B A 2 ? B 17 ? 19 1 
1 A G 3 1_555 B C 7 1_555 -0.259 -0.062 -0.631 -12.342 -3.796  -0.828 3 A_G3:C16_B A 3 ? B 16 ? 19 1 
1 A C 4 1_555 B G 6 1_555 0.557  -0.301 -0.139 7.099   -14.827 -2.026 4 A_C4:G15_B A 4 ? B 15 ? 19 1 
1 A U 5 1_555 B U 5 1_555 2.237  -1.740 0.021  12.561  -17.252 4.583  5 A_U5:U14_B A 5 ? B 14 ? 16 1 
1 A G 6 1_555 B C 4 1_555 -0.483 -0.156 -0.463 -6.034  3.090   2.077  6 A_G6:C13_B A 6 ? B 13 ? 19 1 
1 A C 7 1_555 B G 3 1_555 0.556  -0.294 -0.472 -2.762  -0.455  -1.675 7 A_C7:G12_B A 7 ? B 12 ? 19 1 
1 A G 8 1_555 B C 2 1_555 -0.398 0.147  0.034  -5.400  -13.584 0.404  8 A_G8:C11_B A 8 ? B 11 ? 19 1 
1 A G 9 1_555 B C 1 1_555 -0.971 -0.116 -0.475 -21.506 -32.347 7.550  9 A_G9:C10_B A 9 ? B 10 ? 19 1 
# 
loop_
_ndb_struct_na_base_pair_step.model_number 
_ndb_struct_na_base_pair_step.i_label_asym_id_1 
_ndb_struct_na_base_pair_step.i_label_comp_id_1 
_ndb_struct_na_base_pair_step.i_label_seq_id_1 
_ndb_struct_na_base_pair_step.i_symmetry_1 
_ndb_struct_na_base_pair_step.j_label_asym_id_1 
_ndb_struct_na_base_pair_step.j_label_comp_id_1 
_ndb_struct_na_base_pair_step.j_label_seq_id_1 
_ndb_struct_na_base_pair_step.j_symmetry_1 
_ndb_struct_na_base_pair_step.i_label_asym_id_2 
_ndb_struct_na_base_pair_step.i_label_comp_id_2 
_ndb_struct_na_base_pair_step.i_label_seq_id_2 
_ndb_struct_na_base_pair_step.i_symmetry_2 
_ndb_struct_na_base_pair_step.j_label_asym_id_2 
_ndb_struct_na_base_pair_step.j_label_comp_id_2 
_ndb_struct_na_base_pair_step.j_label_seq_id_2 
_ndb_struct_na_base_pair_step.j_symmetry_2 
_ndb_struct_na_base_pair_step.shift 
_ndb_struct_na_base_pair_step.slide 
_ndb_struct_na_base_pair_step.rise 
_ndb_struct_na_base_pair_step.tilt 
_ndb_struct_na_base_pair_step.roll 
_ndb_struct_na_base_pair_step.twist 
_ndb_struct_na_base_pair_step.x_displacement 
_ndb_struct_na_base_pair_step.y_displacement 
_ndb_struct_na_base_pair_step.helical_rise 
_ndb_struct_na_base_pair_step.inclination 
_ndb_struct_na_base_pair_step.tip 
_ndb_struct_na_base_pair_step.helical_twist 
_ndb_struct_na_base_pair_step.step_number 
_ndb_struct_na_base_pair_step.step_name 
_ndb_struct_na_base_pair_step.i_auth_asym_id_1 
_ndb_struct_na_base_pair_step.i_auth_seq_id_1 
_ndb_struct_na_base_pair_step.i_PDB_ins_code_1 
_ndb_struct_na_base_pair_step.j_auth_asym_id_1 
_ndb_struct_na_base_pair_step.j_auth_seq_id_1 
_ndb_struct_na_base_pair_step.j_PDB_ins_code_1 
_ndb_struct_na_base_pair_step.i_auth_asym_id_2 
_ndb_struct_na_base_pair_step.i_auth_seq_id_2 
_ndb_struct_na_base_pair_step.i_PDB_ins_code_2 
_ndb_struct_na_base_pair_step.j_auth_asym_id_2 
_ndb_struct_na_base_pair_step.j_auth_seq_id_2 
_ndb_struct_na_base_pair_step.j_PDB_ins_code_2 
1 A C 1 1_555 B G 9 1_555 A C 2 1_555 B G 8 1_555 -0.568 -1.869 4.277 -8.779 16.817 33.728 -5.345  -0.452 3.092 26.541 13.856 
38.561 1 AA_C1C2:G17G18_BB A 1 ? B 18 ? A 2 ? B 17 ? 
1 A C 2 1_555 B G 8 1_555 A G 3 1_555 B C 7 1_555 -0.977 -2.762 4.026 -3.689 5.632  17.440 -11.912 0.779  3.126 17.738 11.619 
18.685 2 AA_C2G3:C16G17_BB A 2 ? B 17 ? A 3 ? B 16 ? 
1 A G 3 1_555 B C 7 1_555 A C 4 1_555 B G 6 1_555 -0.209 -0.783 2.988 -0.695 -0.695 33.039 -1.268  0.260  3.007 -1.222 1.221  
33.054 3 AA_G3C4:G15C16_BB A 3 ? B 16 ? A 4 ? B 15 ? 
1 A C 4 1_555 B G 6 1_555 A U 5 1_555 B U 5 1_555 1.208  -0.951 2.974 4.830  7.040  40.586 -2.026  -1.239 2.895 10.015 -6.871 
41.438 4 AA_C4U5:U14G15_BB A 4 ? B 15 ? A 5 ? B 14 ? 
1 A U 5 1_555 B U 5 1_555 A G 6 1_555 B C 4 1_555 -1.715 -3.287 3.932 -4.417 13.824 17.894 -12.751 2.862  1.434 37.442 11.963 
23.002 5 AA_U5G6:C13U14_BB A 5 ? B 14 ? A 6 ? B 13 ? 
1 A G 6 1_555 B C 4 1_555 A C 7 1_555 B G 3 1_555 -0.104 -2.360 3.530 4.962  -1.649 30.225 -4.107  1.267  3.589 -3.133 -9.426 
30.664 6 AA_G6C7:G12C13_BB A 6 ? B 13 ? A 7 ? B 12 ? 
1 A C 7 1_555 B G 3 1_555 A G 8 1_555 B C 2 1_555 -0.701 -1.956 3.619 -2.089 7.520  21.896 -7.502  1.006  2.850 19.036 5.288  
23.230 7 AA_C7G8:C11G12_BB A 7 ? B 12 ? A 8 ? B 11 ? 
1 A G 8 1_555 B C 2 1_555 A G 9 1_555 B C 1 1_555 0.708  -1.872 3.986 5.240  11.289 33.288 -4.970  -0.282 3.270 18.905 -8.775 
35.477 8 AA_G8G9:C10C11_BB A 8 ? B 11 ? A 9 ? B 10 ? 
# 
_pdbx_nmr_spectrometer.field_strength    500 
_pdbx_nmr_spectrometer.manufacturer      Varian 
_pdbx_nmr_spectrometer.model             INOVA 
_pdbx_nmr_spectrometer.spectrometer_id   1 
_pdbx_nmr_spectrometer.type              'Varian INOVA' 
# 
_atom_sites.entry_id                    2L8W 
_atom_sites.fract_transf_matrix[1][1]   1.000000 
_atom_sites.fract_transf_matrix[1][2]   0.000000 
_atom_sites.fract_transf_matrix[1][3]   0.000000 
_atom_sites.fract_transf_matrix[2][1]   0.000000 
_atom_sites.fract_transf_matrix[2][2]   1.000000 
_atom_sites.fract_transf_matrix[2][3]   0.000000 
_atom_sites.fract_transf_matrix[3][1]   0.000000 
_atom_sites.fract_transf_matrix[3][2]   0.000000 
_atom_sites.fract_transf_matrix[3][3]   1.000000 
_atom_sites.fract_transf_vector[1]      0.00000 
_atom_sites.fract_transf_vector[2]      0.00000 
_atom_sites.fract_transf_vector[3]      0.00000 
# 
loop_
_atom_type.symbol 
C 
H 
N 
O 
P 
# 
loop_
_atom_site.group_PDB 
_atom_site.id 
_atom_site.type_symbol 
_atom_site.label_atom_id 
_atom_site.label_alt_id 
_atom_site.label_comp_id 
_atom_site.label_asym_id 
_atom_site.label_entity_id 
_atom_site.label_seq_id 
_atom_site.pdbx_PDB_ins_code 
_atom_site.Cartn_x 
_atom_site.Cartn_y 
_atom_site.Cartn_z 
_atom_site.occupancy 
_atom_site.B_iso_or_equiv 
_atom_site.pdbx_formal_charge 
_atom_site.auth_seq_id 
_atom_site.auth_comp_id 
_atom_site.auth_asym_id 
_atom_site.auth_atom_id 
_atom_site.pdbx_PDB_model_num 
ATOM 1   O "O5'"  . C A 1 1 ? -13.303 3.919   10.587  1.00 0.00 ? 1  C A "O5'"  1 
ATOM 2   C "C5'"  . C A 1 1 ? -12.581 2.746   10.141  1.00 0.00 ? 1  C A "C5'"  1 
ATOM 3   C "C4'"  . C A 1 1 ? -13.371 1.714   9.319   1.00 0.00 ? 1  C A "C4'"  1 
ATOM 4   O "O4'"  . C A 1 1 ? -13.705 2.231   8.055   1.00 0.00 ? 1  C A "O4'"  1 
ATOM 5   C "C3'"  . C A 1 1 ? -12.482 0.624   8.921   1.00 0.00 ? 1  C A "C3'"  1 
ATOM 6   O "O3'"  . C A 1 1 ? -12.065 -0.199  9.985   1.00 0.00 ? 1  C A "O3'"  1 
ATOM 7   C "C2'"  . C A 1 1 ? -13.310 -0.127  7.795   1.00 0.00 ? 1  C A "C2'"  1 
ATOM 8   O "O2'"  . C A 1 1 ? -14.459 -0.892  8.218   1.00 0.00 ? 1  C A "O2'"  1 
ATOM 9   C "C1'"  . C A 1 1 ? -13.946 1.150   7.149   1.00 0.00 ? 1  C A "C1'"  1 
ATOM 10  N N1     . C A 1 1 ? -13.309 1.392   5.838   1.00 0.00 ? 1  C A N1     1 
ATOM 11  C C2     . C A 1 1 ? -13.997 0.852   4.759   1.00 0.00 ? 1  C A C2     1 
ATOM 12  O O2     . C A 1 1 ? -15.000 0.115   4.905   1.00 0.00 ? 1  C A O2     1 
ATOM 13  N N3     . C A 1 1 ? -13.646 1.140   3.472   1.00 0.00 ? 1  C A N3     1 
ATOM 14  C C4     . C A 1 1 ? -12.659 1.968   3.302   1.00 0.00 ? 1  C A C4     1 
ATOM 15  N N4     . C A 1 1 ? -12.311 2.166   2.035   1.00 0.00 ? 1  C A N4     1 
ATOM 16  C C5     . C A 1 1 ? -11.894 2.519   4.364   1.00 0.00 ? 1  C A C5     1 
ATOM 17  C C6     . C A 1 1 ? -12.282 2.229   5.589   1.00 0.00 ? 1  C A C6     1 
ATOM 18  H "H5'"  . C A 1 1 ? -12.258 2.216   11.037  1.00 0.00 ? 1  C A "H5'"  1 
ATOM 19  H "H5''" . C A 1 1 ? -11.775 3.182   9.551   1.00 0.00 ? 1  C A "H5''" 1 
ATOM 20  H "H4'"  . C A 1 1 ? -14.238 1.372   9.884   1.00 0.00 ? 1  C A "H4'"  1 
ATOM 21  H "H3'"  . C A 1 1 ? -11.592 1.105   8.513   1.00 0.00 ? 1  C A "H3'"  1 
ATOM 22  H "H2'"  . C A 1 1 ? -12.622 -0.666  7.143   1.00 0.00 ? 1  C A "H2'"  1 
ATOM 23  H "HO2'" . C A 1 1 ? -14.548 -0.784  9.168   1.00 0.00 ? 1  C A "HO2'" 1 
ATOM 24  H "H1'"  . C A 1 1 ? -15.022 1.058   7.008   1.00 0.00 ? 1  C A "H1'"  1 
ATOM 25  H H41    . C A 1 1 ? -12.646 1.566   1.296   1.00 0.00 ? 1  C A H41    1 
ATOM 26  H H42    . C A 1 1 ? -11.496 2.742   1.881   1.00 0.00 ? 1  C A H42    1 
ATOM 27  H H5     . C A 1 1 ? -11.097 3.229   4.198   1.00 0.00 ? 1  C A H5     1 
ATOM 28  H H6     . C A 1 1 ? -11.718 2.622   6.423   1.00 0.00 ? 1  C A H6     1 
ATOM 29  H "HO5'" . C A 1 1 ? -12.647 4.485   11.002  1.00 0.00 ? 1  C A "HO5'" 1 
ATOM 30  P P      . C A 1 2 ? -10.733 -0.994  9.893   1.00 0.00 ? 2  C A P      1 
ATOM 31  O OP1    . C A 1 2 ? -10.590 -1.870  11.084  1.00 0.00 ? 2  C A OP1    1 
ATOM 32  O OP2    . C A 1 2 ? -9.722  -0.021  9.575   1.00 0.00 ? 2  C A OP2    1 
ATOM 33  O "O5'"  . C A 1 2 ? -10.895 -1.960  8.682   1.00 0.00 ? 2  C A "O5'"  1 
ATOM 34  C "C5'"  . C A 1 2 ? -11.661 -3.188  8.854   1.00 0.00 ? 2  C A "C5'"  1 
ATOM 35  C "C4'"  . C A 1 2 ? -11.597 -4.127  7.575   1.00 0.00 ? 2  C A "C4'"  1 
ATOM 36  O "O4'"  . C A 1 2 ? -12.117 -3.478  6.461   1.00 0.00 ? 2  C A "O4'"  1 
ATOM 37  C "C3'"  . C A 1 2 ? -10.183 -4.454  7.138   1.00 0.00 ? 2  C A "C3'"  1 
ATOM 38  O "O3'"  . C A 1 2 ? -9.676  -5.571  7.929   1.00 0.00 ? 2  C A "O3'"  1 
ATOM 39  C "C2'"  . C A 1 2 ? -10.342 -4.868  5.700   1.00 0.00 ? 2  C A "C2'"  1 
ATOM 40  O "O2'"  . C A 1 2 ? -10.821 -6.209  5.642   1.00 0.00 ? 2  C A "O2'"  1 
ATOM 41  C "C1'"  . C A 1 2 ? -11.484 -3.983  5.262   1.00 0.00 ? 2  C A "C1'"  1 
ATOM 42  N N1     . C A 1 2 ? -10.967 -2.918  4.395   1.00 0.00 ? 2  C A N1     1 
ATOM 43  C C2     . C A 1 2 ? -10.900 -3.230  3.033   1.00 0.00 ? 2  C A C2     1 
ATOM 44  O O2     . C A 1 2 ? -11.211 -4.299  2.526   1.00 0.00 ? 2  C A O2     1 
ATOM 45  N N3     . C A 1 2 ? -10.502 -2.267  2.149   1.00 0.00 ? 2  C A N3     1 
ATOM 46  C C4     . C A 1 2 ? -10.312 -1.036  2.619   1.00 0.00 ? 2  C A C4     1 
ATOM 47  N N4     . C A 1 2 ? -9.961  -0.135  1.769   1.00 0.00 ? 2  C A N4     1 
ATOM 48  C C5     . C A 1 2 ? -10.299 -0.716  4.010   1.00 0.00 ? 2  C A C5     1 
ATOM 49  C C6     . C A 1 2 ? -10.583 -1.705  4.908   1.00 0.00 ? 2  C A C6     1 
ATOM 50  H "H5'"  . C A 1 2 ? -12.683 -2.808  8.865   1.00 0.00 ? 2  C A "H5'"  1 
ATOM 51  H "H5''" . C A 1 2 ? -11.473 -3.678  9.809   1.00 0.00 ? 2  C A "H5''" 1 
ATOM 52  H "H4'"  . C A 1 2 ? -12.148 -5.044  7.779   1.00 0.00 ? 2  C A "H4'"  1 
ATOM 53  H "H3'"  . C A 1 2 ? -9.581  -3.545  7.158   1.00 0.00 ? 2  C A "H3'"  1 
ATOM 54  H "H2'"  . C A 1 2 ? -9.478  -4.725  5.050   1.00 0.00 ? 2  C A "H2'"  1 
ATOM 55  H "HO2'" . C A 1 2 ? -10.111 -6.854  5.618   1.00 0.00 ? 2  C A "HO2'" 1 
ATOM 56  H "H1'"  . C A 1 2 ? -12.242 -4.517  4.689   1.00 0.00 ? 2  C A "H1'"  1 
ATOM 57  H H41    . C A 1 2 ? -9.761  -0.405  0.817   1.00 0.00 ? 2  C A H41    1 
ATOM 58  H H42    . C A 1 2 ? -9.689  0.809   2.007   1.00 0.00 ? 2  C A H42    1 
ATOM 59  H H5     . C A 1 2 ? -10.123 0.295   4.348   1.00 0.00 ? 2  C A H5     1 
ATOM 60  H H6     . C A 1 2 ? -10.611 -1.607  5.983   1.00 0.00 ? 2  C A H6     1 
ATOM 61  P P      . G A 1 3 ? -8.266  -6.123  7.753   1.00 0.00 ? 3  G A P      1 
ATOM 62  O OP1    . G A 1 3 ? -8.078  -7.085  8.811   1.00 0.00 ? 3  G A OP1    1 
ATOM 63  O OP2    . G A 1 3 ? -7.208  -5.087  7.554   1.00 0.00 ? 3  G A OP2    1 
ATOM 64  O "O5'"  . G A 1 3 ? -8.362  -6.985  6.343   1.00 0.00 ? 3  G A "O5'"  1 
ATOM 65  C "C5'"  . G A 1 3 ? -7.373  -6.821  5.376   1.00 0.00 ? 3  G A "C5'"  1 
ATOM 66  C "C4'"  . G A 1 3 ? -7.647  -7.612  4.113   1.00 0.00 ? 3  G A "C4'"  1 
ATOM 67  O "O4'"  . G A 1 3 ? -8.461  -6.787  3.245   1.00 0.00 ? 3  G A "O4'"  1 
ATOM 68  C "C3'"  . G A 1 3 ? -6.473  -8.038  3.351   1.00 0.00 ? 3  G A "C3'"  1 
ATOM 69  O "O3'"  . G A 1 3 ? -6.000  -9.293  3.922   1.00 0.00 ? 3  G A "O3'"  1 
ATOM 70  C "C2'"  . G A 1 3 ? -7.086  -8.173  1.932   1.00 0.00 ? 3  G A "C2'"  1 
ATOM 71  O "O2'"  . G A 1 3 ? -7.747  -9.444  1.902   1.00 0.00 ? 3  G A "O2'"  1 
ATOM 72  C "C1'"  . G A 1 3 ? -8.146  -7.061  1.896   1.00 0.00 ? 3  G A "C1'"  1 
ATOM 73  N N9     . G A 1 3 ? -7.737  -5.691  1.380   1.00 0.00 ? 3  G A N9     1 
ATOM 74  C C8     . G A 1 3 ? -7.742  -4.520  2.017   1.00 0.00 ? 3  G A C8     1 
ATOM 75  N N7     . G A 1 3 ? -7.269  -3.478  1.346   1.00 0.00 ? 3  G A N7     1 
ATOM 76  C C5     . G A 1 3 ? -7.142  -4.032  0.100   1.00 0.00 ? 3  G A C5     1 
ATOM 77  C C6     . G A 1 3 ? -6.787  -3.472  -1.162  1.00 0.00 ? 3  G A C6     1 
ATOM 78  O O6     . G A 1 3 ? -6.596  -2.315  -1.457  1.00 0.00 ? 3  G A O6     1 
ATOM 79  N N1     . G A 1 3 ? -6.641  -4.349  -2.185  1.00 0.00 ? 3  G A N1     1 
ATOM 80  C C2     . G A 1 3 ? -6.939  -5.710  -2.096  1.00 0.00 ? 3  G A C2     1 
ATOM 81  N N2     . G A 1 3 ? -6.703  -6.454  -3.158  1.00 0.00 ? 3  G A N2     1 
ATOM 82  N N3     . G A 1 3 ? -7.121  -6.337  -0.917  1.00 0.00 ? 3  G A N3     1 
ATOM 83  C C4     . G A 1 3 ? -7.315  -5.442  0.124   1.00 0.00 ? 3  G A C4     1 
ATOM 84  H "H5'"  . G A 1 3 ? -6.420  -7.085  5.835   1.00 0.00 ? 3  G A "H5'"  1 
ATOM 85  H "H5''" . G A 1 3 ? -7.387  -5.774  5.073   1.00 0.00 ? 3  G A "H5''" 1 
ATOM 86  H "H4'"  . G A 1 3 ? -8.185  -8.545  4.283   1.00 0.00 ? 3  G A "H4'"  1 
ATOM 87  H "H3'"  . G A 1 3 ? -5.708  -7.264  3.326   1.00 0.00 ? 3  G A "H3'"  1 
ATOM 88  H "H2'"  . G A 1 3 ? -6.235  -8.057  1.260   1.00 0.00 ? 3  G A "H2'"  1 
ATOM 89  H "HO2'" . G A 1 3 ? -7.177  -10.086 2.332   1.00 0.00 ? 3  G A "HO2'" 1 
ATOM 90  H "H1'"  . G A 1 3 ? -8.940  -7.428  1.247   1.00 0.00 ? 3  G A "H1'"  1 
ATOM 91  H H8     . G A 1 3 ? -8.074  -4.443  3.042   1.00 0.00 ? 3  G A H8     1 
ATOM 92  H H1     . G A 1 3 ? -6.176  -4.027  -3.023  1.00 0.00 ? 3  G A H1     1 
ATOM 93  H H21    . G A 1 3 ? -6.397  -6.039  -4.026  1.00 0.00 ? 3  G A H21    1 
ATOM 94  H H22    . G A 1 3 ? -6.552  -7.439  -2.995  1.00 0.00 ? 3  G A H22    1 
ATOM 95  P P      . C A 1 4 ? -4.463  -9.538  4.139   1.00 0.00 ? 4  C A P      1 
ATOM 96  O OP1    . C A 1 4 ? -4.314  -10.744 4.960   1.00 0.00 ? 4  C A OP1    1 
ATOM 97  O OP2    . C A 1 4 ? -3.854  -8.305  4.708   1.00 0.00 ? 4  C A OP2    1 
ATOM 98  O "O5'"  . C A 1 4 ? -3.663  -9.805  2.804   1.00 0.00 ? 4  C A "O5'"  1 
ATOM 99  C "C5'"  . C A 1 4 ? -3.825  -11.025 2.010   1.00 0.00 ? 4  C A "C5'"  1 
ATOM 100 C "C4'"  . C A 1 4 ? -3.455  -10.673 0.530   1.00 0.00 ? 4  C A "C4'"  1 
ATOM 101 O "O4'"  . C A 1 4 ? -4.322  -9.632  0.162   1.00 0.00 ? 4  C A "O4'"  1 
ATOM 102 C "C3'"  . C A 1 4 ? -2.007  -10.139 0.329   1.00 0.00 ? 4  C A "C3'"  1 
ATOM 103 O "O3'"  . C A 1 4 ? -0.994  -11.055 0.051   1.00 0.00 ? 4  C A "O3'"  1 
ATOM 104 C "C2'"  . C A 1 4 ? -2.190  -9.283  -0.955  1.00 0.00 ? 4  C A "C2'"  1 
ATOM 105 O "O2'"  . C A 1 4 ? -2.244  -10.091 -2.145  1.00 0.00 ? 4  C A "O2'"  1 
ATOM 106 C "C1'"  . C A 1 4 ? -3.612  -8.815  -0.790  1.00 0.00 ? 4  C A "C1'"  1 
ATOM 107 N N1     . C A 1 4 ? -3.668  -7.322  -0.554  1.00 0.00 ? 4  C A N1     1 
ATOM 108 C C2     . C A 1 4 ? -3.565  -6.462  -1.625  1.00 0.00 ? 4  C A C2     1 
ATOM 109 O O2     . C A 1 4 ? -3.400  -6.895  -2.732  1.00 0.00 ? 4  C A O2     1 
ATOM 110 N N3     . C A 1 4 ? -3.392  -5.155  -1.462  1.00 0.00 ? 4  C A N3     1 
ATOM 111 C C4     . C A 1 4 ? -3.291  -4.722  -0.239  1.00 0.00 ? 4  C A C4     1 
ATOM 112 N N4     . C A 1 4 ? -3.287  -3.413  -0.103  1.00 0.00 ? 4  C A N4     1 
ATOM 113 C C5     . C A 1 4 ? -3.434  -5.541  0.938   1.00 0.00 ? 4  C A C5     1 
ATOM 114 C C6     . C A 1 4 ? -3.648  -6.832  0.756   1.00 0.00 ? 4  C A C6     1 
ATOM 115 H "H5'"  . C A 1 4 ? -4.871  -11.331 2.025   1.00 0.00 ? 4  C A "H5'"  1 
ATOM 116 H "H5''" . C A 1 4 ? -3.168  -11.761 2.474   1.00 0.00 ? 4  C A "H5''" 1 
ATOM 117 H "H4'"  . C A 1 4 ? -3.749  -11.510 -0.104  1.00 0.00 ? 4  C A "H4'"  1 
ATOM 118 H "H3'"  . C A 1 4 ? -1.766  -9.459  1.146   1.00 0.00 ? 4  C A "H3'"  1 
ATOM 119 H "H2'"  . C A 1 4 ? -1.440  -8.491  -0.966  1.00 0.00 ? 4  C A "H2'"  1 
ATOM 120 H "HO2'" . C A 1 4 ? -2.305  -9.551  -2.936  1.00 0.00 ? 4  C A "HO2'" 1 
ATOM 121 H "H1'"  . C A 1 4 ? -4.111  -8.957  -1.748  1.00 0.00 ? 4  C A "H1'"  1 
ATOM 122 H H41    . C A 1 4 ? -3.457  -2.955  -0.986  1.00 0.00 ? 4  C A H41    1 
ATOM 123 H H42    . C A 1 4 ? -3.451  -2.988  0.799   1.00 0.00 ? 4  C A H42    1 
ATOM 124 H H5     . C A 1 4 ? -3.255  -5.110  1.912   1.00 0.00 ? 4  C A H5     1 
ATOM 125 H H6     . C A 1 4 ? -3.701  -7.570  1.543   1.00 0.00 ? 4  C A H6     1 
ATOM 126 P P      . U A 1 5 ? 0.519   -10.917 0.531   1.00 0.00 ? 5  U A P      1 
ATOM 127 O OP1    . U A 1 5 ? 1.193   -12.177 0.230   1.00 0.00 ? 5  U A OP1    1 
ATOM 128 O OP2    . U A 1 5 ? 0.466   -10.374 1.895   1.00 0.00 ? 5  U A OP2    1 
ATOM 129 O "O5'"  . U A 1 5 ? 1.068   -9.848  -0.482  1.00 0.00 ? 5  U A "O5'"  1 
ATOM 130 C "C5'"  . U A 1 5 ? 1.161   -10.165 -1.902  1.00 0.00 ? 5  U A "C5'"  1 
ATOM 131 C "C4'"  . U A 1 5 ? 1.350   -8.889  -2.843  1.00 0.00 ? 5  U A "C4'"  1 
ATOM 132 O "O4'"  . U A 1 5 ? 0.243   -8.043  -2.811  1.00 0.00 ? 5  U A "O4'"  1 
ATOM 133 C "C3'"  . U A 1 5 ? 2.608   -8.102  -2.449  1.00 0.00 ? 5  U A "C3'"  1 
ATOM 134 O "O3'"  . U A 1 5 ? 3.747   -8.544  -2.997  1.00 0.00 ? 5  U A "O3'"  1 
ATOM 135 C "C2'"  . U A 1 5 ? 2.196   -6.752  -3.041  1.00 0.00 ? 5  U A "C2'"  1 
ATOM 136 O "O2'"  . U A 1 5 ? 2.491   -6.651  -4.386  1.00 0.00 ? 5  U A "O2'"  1 
ATOM 137 C "C1'"  . U A 1 5 ? 0.625   -6.718  -2.853  1.00 0.00 ? 5  U A "C1'"  1 
ATOM 138 N N1     . U A 1 5 ? 0.242   -5.890  -1.711  1.00 0.00 ? 5  U A N1     1 
ATOM 139 C C2     . U A 1 5 ? 0.060   -4.512  -1.972  1.00 0.00 ? 5  U A C2     1 
ATOM 140 O O2     . U A 1 5 ? 0.319   -3.807  -2.996  1.00 0.00 ? 5  U A O2     1 
ATOM 141 N N3     . U A 1 5 ? -0.168  -3.743  -0.797  1.00 0.00 ? 5  U A N3     1 
ATOM 142 C C4     . U A 1 5 ? -0.118  -4.134  0.542   1.00 0.00 ? 5  U A C4     1 
ATOM 143 O O4     . U A 1 5 ? -0.087  -3.341  1.457   1.00 0.00 ? 5  U A O4     1 
ATOM 144 C C5     . U A 1 5 ? 0.042   -5.546  0.657   1.00 0.00 ? 5  U A C5     1 
ATOM 145 C C6     . U A 1 5 ? 0.139   -6.379  -0.422  1.00 0.00 ? 5  U A C6     1 
ATOM 146 H "H5'"  . U A 1 5 ? 0.270   -10.695 -2.238  1.00 0.00 ? 5  U A "H5'"  1 
ATOM 147 H "H5''" . U A 1 5 ? 2.013   -10.838 -2.001  1.00 0.00 ? 5  U A "H5''" 1 
ATOM 148 H "H4'"  . U A 1 5 ? 1.580   -9.297  -3.828  1.00 0.00 ? 5  U A "H4'"  1 
ATOM 149 H "H3'"  . U A 1 5 ? 2.739   -8.122  -1.367  1.00 0.00 ? 5  U A "H3'"  1 
ATOM 150 H "H2'"  . U A 1 5 ? 2.702   -5.969  -2.476  1.00 0.00 ? 5  U A "H2'"  1 
ATOM 151 H "HO2'" . U A 1 5 ? 3.437   -6.576  -4.537  1.00 0.00 ? 5  U A "HO2'" 1 
ATOM 152 H "H1'"  . U A 1 5 ? 0.247   -6.250  -3.762  1.00 0.00 ? 5  U A "H1'"  1 
ATOM 153 H H3     . U A 1 5 ? -0.362  -2.755  -0.877  1.00 0.00 ? 5  U A H3     1 
ATOM 154 H H5     . U A 1 5 ? 0.191   -5.957  1.644   1.00 0.00 ? 5  U A H5     1 
ATOM 155 H H6     . U A 1 5 ? 0.371   -7.416  -0.230  1.00 0.00 ? 5  U A H6     1 
ATOM 156 P P      . G A 1 6 ? 5.230   -7.876  -2.686  1.00 0.00 ? 6  G A P      1 
ATOM 157 O OP1    . G A 1 6 ? 6.240   -8.956  -2.913  1.00 0.00 ? 6  G A OP1    1 
ATOM 158 O OP2    . G A 1 6 ? 5.129   -7.170  -1.363  1.00 0.00 ? 6  G A OP2    1 
ATOM 159 O "O5'"  . G A 1 6 ? 5.348   -6.690  -3.769  1.00 0.00 ? 6  G A "O5'"  1 
ATOM 160 C "C5'"  . G A 1 6 ? 5.724   -6.876  -5.126  1.00 0.00 ? 6  G A "C5'"  1 
ATOM 161 C "C4'"  . G A 1 6 ? 5.909   -5.556  -5.786  1.00 0.00 ? 6  G A "C4'"  1 
ATOM 162 O "O4'"  . G A 1 6 ? 4.759   -4.696  -5.748  1.00 0.00 ? 6  G A "O4'"  1 
ATOM 163 C "C3'"  . G A 1 6 ? 7.056   -4.840  -5.015  1.00 0.00 ? 6  G A "C3'"  1 
ATOM 164 O "O3'"  . G A 1 6 ? 8.479   -5.115  -5.257  1.00 0.00 ? 6  G A "O3'"  1 
ATOM 165 C "C2'"  . G A 1 6 ? 6.758   -3.366  -5.385  1.00 0.00 ? 6  G A "C2'"  1 
ATOM 166 O "O2'"  . G A 1 6 ? 7.467   -3.042  -6.532  1.00 0.00 ? 6  G A "O2'"  1 
ATOM 167 C "C1'"  . G A 1 6 ? 5.246   -3.426  -5.580  1.00 0.00 ? 6  G A "C1'"  1 
ATOM 168 N N9     . G A 1 6 ? 4.607   -2.857  -4.373  1.00 0.00 ? 6  G A N9     1 
ATOM 169 C C8     . G A 1 6 ? 4.020   -3.571  -3.290  1.00 0.00 ? 6  G A C8     1 
ATOM 170 N N7     . G A 1 6 ? 3.543   -2.832  -2.329  1.00 0.00 ? 6  G A N7     1 
ATOM 171 C C5     . G A 1 6 ? 3.870   -1.570  -2.737  1.00 0.00 ? 6  G A C5     1 
ATOM 172 C C6     . G A 1 6 ? 3.755   -0.334  -2.084  1.00 0.00 ? 6  G A C6     1 
ATOM 173 O O6     . G A 1 6 ? 3.344   -0.084  -0.953  1.00 0.00 ? 6  G A O6     1 
ATOM 174 N N1     . G A 1 6 ? 4.331   0.756   -2.745  1.00 0.00 ? 6  G A N1     1 
ATOM 175 C C2     . G A 1 6 ? 4.946   0.641   -3.934  1.00 0.00 ? 6  G A C2     1 
ATOM 176 N N2     . G A 1 6 ? 5.417   1.696   -4.504  1.00 0.00 ? 6  G A N2     1 
ATOM 177 N N3     . G A 1 6 ? 5.001   -0.472  -4.679  1.00 0.00 ? 6  G A N3     1 
ATOM 178 C C4     . G A 1 6 ? 4.487   -1.547  -4.017  1.00 0.00 ? 6  G A C4     1 
ATOM 179 H "H5'"  . G A 1 6 ? 4.902   -7.320  -5.688  1.00 0.00 ? 6  G A "H5'"  1 
ATOM 180 H "H5''" . G A 1 6 ? 6.703   -7.323  -5.303  1.00 0.00 ? 6  G A "H5''" 1 
ATOM 181 H "H4'"  . G A 1 6 ? 6.241   -5.684  -6.816  1.00 0.00 ? 6  G A "H4'"  1 
ATOM 182 H "H3'"  . G A 1 6 ? 6.847   -4.979  -3.954  1.00 0.00 ? 6  G A "H3'"  1 
ATOM 183 H "H2'"  . G A 1 6 ? 7.100   -2.775  -4.536  1.00 0.00 ? 6  G A "H2'"  1 
ATOM 184 H "HO2'" . G A 1 6 ? 8.228   -3.609  -6.678  1.00 0.00 ? 6  G A "HO2'" 1 
ATOM 185 H "H1'"  . G A 1 6 ? 5.044   -2.729  -6.392  1.00 0.00 ? 6  G A "H1'"  1 
ATOM 186 H H8     . G A 1 6 ? 4.093   -4.647  -3.240  1.00 0.00 ? 6  G A H8     1 
ATOM 187 H H1     . G A 1 6 ? 4.250   1.651   -2.285  1.00 0.00 ? 6  G A H1     1 
ATOM 188 H H21    . G A 1 6 ? 5.354   2.620   -4.098  1.00 0.00 ? 6  G A H21    1 
ATOM 189 H H22    . G A 1 6 ? 5.807   1.531   -5.420  1.00 0.00 ? 6  G A H22    1 
ATOM 190 P P      . C A 1 7 ? 9.595   -4.687  -4.136  1.00 0.00 ? 7  C A P      1 
ATOM 191 O OP1    . C A 1 7 ? 10.837  -5.377  -4.510  1.00 0.00 ? 7  C A OP1    1 
ATOM 192 O OP2    . C A 1 7 ? 8.993   -5.048  -2.812  1.00 0.00 ? 7  C A OP2    1 
ATOM 193 O "O5'"  . C A 1 7 ? 9.767   -3.047  -4.177  1.00 0.00 ? 7  C A "O5'"  1 
ATOM 194 C "C5'"  . C A 1 7 ? 10.427  -2.375  -5.290  1.00 0.00 ? 7  C A "C5'"  1 
ATOM 195 C "C4'"  . C A 1 7 ? 10.130  -0.916  -5.141  1.00 0.00 ? 7  C A "C4'"  1 
ATOM 196 O "O4'"  . C A 1 7 ? 8.761   -0.467  -4.794  1.00 0.00 ? 7  C A "O4'"  1 
ATOM 197 C "C3'"  . C A 1 7 ? 10.996  -0.300  -4.084  1.00 0.00 ? 7  C A "C3'"  1 
ATOM 198 O "O3'"  . C A 1 7 ? 12.379  -0.114  -4.399  1.00 0.00 ? 7  C A "O3'"  1 
ATOM 199 C "C2'"  . C A 1 7 ? 10.336  1.063   -3.811  1.00 0.00 ? 7  C A "C2'"  1 
ATOM 200 O "O2'"  . C A 1 7 ? 10.843  2.033   -4.693  1.00 0.00 ? 7  C A "O2'"  1 
ATOM 201 C "C1'"  . C A 1 7 ? 8.844   0.712   -3.999  1.00 0.00 ? 7  C A "C1'"  1 
ATOM 202 N N1     . C A 1 7 ? 8.215   0.549   -2.661  1.00 0.00 ? 7  C A N1     1 
ATOM 203 C C2     . C A 1 7 ? 7.906   1.641   -1.878  1.00 0.00 ? 7  C A C2     1 
ATOM 204 O O2     . C A 1 7 ? 8.208   2.761   -2.323  1.00 0.00 ? 7  C A O2     1 
ATOM 205 N N3     . C A 1 7 ? 7.238   1.533   -0.726  1.00 0.00 ? 7  C A N3     1 
ATOM 206 C C4     . C A 1 7 ? 7.091   0.323   -0.218  1.00 0.00 ? 7  C A C4     1 
ATOM 207 N N4     . C A 1 7 ? 6.563   0.186   0.976   1.00 0.00 ? 7  C A N4     1 
ATOM 208 C C5     . C A 1 7 ? 7.412   -0.845  -0.923  1.00 0.00 ? 7  C A C5     1 
ATOM 209 C C6     . C A 1 7 ? 7.979   -0.724  -2.134  1.00 0.00 ? 7  C A C6     1 
ATOM 210 H "H5'"  . C A 1 7 ? 10.148  -2.770  -6.267  1.00 0.00 ? 7  C A "H5'"  1 
ATOM 211 H "H5''" . C A 1 7 ? 11.495  -2.573  -5.197  1.00 0.00 ? 7  C A "H5''" 1 
ATOM 212 H "H4'"  . C A 1 7 ? 10.337  -0.468  -6.113  1.00 0.00 ? 7  C A "H4'"  1 
ATOM 213 H "H3'"  . C A 1 7 ? 10.862  -0.958  -3.225  1.00 0.00 ? 7  C A "H3'"  1 
ATOM 214 H "H2'"  . C A 1 7 ? 10.525  1.301   -2.764  1.00 0.00 ? 7  C A "H2'"  1 
ATOM 215 H "HO2'" . C A 1 7 ? 11.790  1.879   -4.668  1.00 0.00 ? 7  C A "HO2'" 1 
ATOM 216 H "H1'"  . C A 1 7 ? 8.325   1.512   -4.528  1.00 0.00 ? 7  C A "H1'"  1 
ATOM 217 H H41    . C A 1 7 ? 6.342   1.007   1.519   1.00 0.00 ? 7  C A H41    1 
ATOM 218 H H42    . C A 1 7 ? 6.201   -0.725  1.222   1.00 0.00 ? 7  C A H42    1 
ATOM 219 H H5     . C A 1 7 ? 7.189   -1.760  -0.395  1.00 0.00 ? 7  C A H5     1 
ATOM 220 H H6     . C A 1 7 ? 8.125   -1.634  -2.697  1.00 0.00 ? 7  C A H6     1 
ATOM 221 P P      . G A 1 8 ? 13.504  -0.021  -3.273  1.00 0.00 ? 8  G A P      1 
ATOM 222 O OP1    . G A 1 8 ? 14.808  -0.348  -3.908  1.00 0.00 ? 8  G A OP1    1 
ATOM 223 O OP2    . G A 1 8 ? 13.047  -0.828  -2.139  1.00 0.00 ? 8  G A OP2    1 
ATOM 224 O "O5'"  . G A 1 8 ? 13.509  1.531   -2.891  1.00 0.00 ? 8  G A "O5'"  1 
ATOM 225 C "C5'"  . G A 1 8 ? 14.115  2.527   -3.715  1.00 0.00 ? 8  G A "C5'"  1 
ATOM 226 C "C4'"  . G A 1 8 ? 13.694  3.918   -3.237  1.00 0.00 ? 8  G A "C4'"  1 
ATOM 227 O "O4'"  . G A 1 8 ? 12.300  3.996   -3.128  1.00 0.00 ? 8  G A "O4'"  1 
ATOM 228 C "C3'"  . G A 1 8 ? 14.348  4.297   -1.891  1.00 0.00 ? 8  G A "C3'"  1 
ATOM 229 O "O3'"  . G A 1 8 ? 15.623  4.964   -2.049  1.00 0.00 ? 8  G A "O3'"  1 
ATOM 230 C "C2'"  . G A 1 8 ? 13.363  5.399   -1.451  1.00 0.00 ? 8  G A "C2'"  1 
ATOM 231 O "O2'"  . G A 1 8 ? 13.612  6.684   -1.988  1.00 0.00 ? 8  G A "O2'"  1 
ATOM 232 C "C1'"  . G A 1 8 ? 12.046  4.755   -1.984  1.00 0.00 ? 8  G A "C1'"  1 
ATOM 233 N N9     . G A 1 8 ? 11.545  4.067   -0.821  1.00 0.00 ? 8  G A N9     1 
ATOM 234 C C8     . G A 1 8 ? 11.405  2.723   -0.620  1.00 0.00 ? 8  G A C8     1 
ATOM 235 N N7     . G A 1 8 ? 10.833  2.336   0.488   1.00 0.00 ? 8  G A N7     1 
ATOM 236 C C5     . G A 1 8 ? 10.661  3.564   1.142   1.00 0.00 ? 8  G A C5     1 
ATOM 237 C C6     . G A 1 8 ? 10.144  3.820   2.434   1.00 0.00 ? 8  G A C6     1 
ATOM 238 O O6     . G A 1 8 ? 9.714   3.004   3.223   1.00 0.00 ? 8  G A O6     1 
ATOM 239 N N1     . G A 1 8 ? 9.933   5.115   2.696   1.00 0.00 ? 8  G A N1     1 
ATOM 240 C C2     . G A 1 8 ? 10.307  6.149   1.897   1.00 0.00 ? 8  G A C2     1 
ATOM 241 N N2     . G A 1 8 ? 10.466  7.251   2.579   1.00 0.00 ? 8  G A N2     1 
ATOM 242 N N3     . G A 1 8 ? 10.904  5.995   0.685   1.00 0.00 ? 8  G A N3     1 
ATOM 243 C C4     . G A 1 8 ? 11.058  4.636   0.372   1.00 0.00 ? 8  G A C4     1 
ATOM 244 H "H5'"  . G A 1 8 ? 13.810  2.339   -4.744  1.00 0.00 ? 8  G A "H5'"  1 
ATOM 245 H "H5''" . G A 1 8 ? 15.192  2.368   -3.769  1.00 0.00 ? 8  G A "H5''" 1 
ATOM 246 H "H4'"  . G A 1 8 ? 14.039  4.595   -4.019  1.00 0.00 ? 8  G A "H4'"  1 
ATOM 247 H "H3'"  . G A 1 8 ? 14.283  3.411   -1.260  1.00 0.00 ? 8  G A "H3'"  1 
ATOM 248 H "H2'"  . G A 1 8 ? 13.433  5.566   -0.376  1.00 0.00 ? 8  G A "H2'"  1 
ATOM 249 H "HO2'" . G A 1 8 ? 13.360  7.309   -1.305  1.00 0.00 ? 8  G A "HO2'" 1 
ATOM 250 H "H1'"  . G A 1 8 ? 11.409  5.610   -2.212  1.00 0.00 ? 8  G A "H1'"  1 
ATOM 251 H H8     . G A 1 8 ? 11.802  2.002   -1.320  1.00 0.00 ? 8  G A H8     1 
ATOM 252 H H1     . G A 1 8 ? 9.501   5.318   3.586   1.00 0.00 ? 8  G A H1     1 
ATOM 253 H H21    . G A 1 8 ? 10.105  7.331   3.519   1.00 0.00 ? 8  G A H21    1 
ATOM 254 H H22    . G A 1 8 ? 10.810  8.100   2.152   1.00 0.00 ? 8  G A H22    1 
ATOM 255 P P      . G A 1 9 ? 16.648  5.008   -0.790  1.00 0.00 ? 9  G A P      1 
ATOM 256 O OP1    . G A 1 9 ? 17.849  5.780   -1.144  1.00 0.00 ? 9  G A OP1    1 
ATOM 257 O OP2    . G A 1 9 ? 16.785  3.631   -0.250  1.00 0.00 ? 9  G A OP2    1 
ATOM 258 O "O5'"  . G A 1 9 ? 15.768  5.788   0.310   1.00 0.00 ? 9  G A "O5'"  1 
ATOM 259 C "C5'"  . G A 1 9 ? 15.865  7.212   0.282   1.00 0.00 ? 9  G A "C5'"  1 
ATOM 260 C "C4'"  . G A 1 9 ? 15.332  7.927   1.444   1.00 0.00 ? 9  G A "C4'"  1 
ATOM 261 O "O4'"  . G A 1 9 ? 14.009  7.532   1.699   1.00 0.00 ? 9  G A "O4'"  1 
ATOM 262 C "C3'"  . G A 1 9 ? 16.125  7.638   2.661   1.00 0.00 ? 9  G A "C3'"  1 
ATOM 263 O "O3'"  . G A 1 9 ? 17.333  8.365   2.785   1.00 0.00 ? 9  G A "O3'"  1 
ATOM 264 C "C2'"  . G A 1 9 ? 15.124  8.000   3.754   1.00 0.00 ? 9  G A "C2'"  1 
ATOM 265 O "O2'"  . G A 1 9 ? 15.059  9.370   4.094   1.00 0.00 ? 9  G A "O2'"  1 
ATOM 266 C "C1'"  . G A 1 9 ? 13.783  7.590   3.137   1.00 0.00 ? 9  G A "C1'"  1 
ATOM 267 N N9     . G A 1 9 ? 13.459  6.180   3.624   1.00 0.00 ? 9  G A N9     1 
ATOM 268 C C8     . G A 1 9 ? 13.766  4.933   3.041   1.00 0.00 ? 9  G A C8     1 
ATOM 269 N N7     . G A 1 9 ? 13.440  3.918   3.799   1.00 0.00 ? 9  G A N7     1 
ATOM 270 C C5     . G A 1 9 ? 12.808  4.477   4.913   1.00 0.00 ? 9  G A C5     1 
ATOM 271 C C6     . G A 1 9 ? 12.221  3.852   6.054   1.00 0.00 ? 9  G A C6     1 
ATOM 272 O O6     . G A 1 9 ? 12.142  2.645   6.387   1.00 0.00 ? 9  G A O6     1 
ATOM 273 N N1     . G A 1 9 ? 11.687  4.742   6.905   1.00 0.00 ? 9  G A N1     1 
ATOM 274 C C2     . G A 1 9 ? 11.799  6.101   6.825   1.00 0.00 ? 9  G A C2     1 
ATOM 275 N N2     . G A 1 9 ? 11.464  6.693   7.849   1.00 0.00 ? 9  G A N2     1 
ATOM 276 N N3     . G A 1 9 ? 12.284  6.740   5.826   1.00 0.00 ? 9  G A N3     1 
ATOM 277 C C4     . G A 1 9 ? 12.789  5.856   4.836   1.00 0.00 ? 9  G A C4     1 
ATOM 278 H "H5'"  . G A 1 9 ? 15.496  7.628   -0.655  1.00 0.00 ? 9  G A "H5'"  1 
ATOM 279 H "H5''" . G A 1 9 ? 16.911  7.515   0.272   1.00 0.00 ? 9  G A "H5''" 1 
ATOM 280 H "H4'"  . G A 1 9 ? 15.411  9.000   1.271   1.00 0.00 ? 9  G A "H4'"  1 
ATOM 281 H "H3'"  . G A 1 9 ? 16.277  6.559   2.674   1.00 0.00 ? 9  G A "H3'"  1 
ATOM 282 H "HO3'" . G A 1 9 ? 17.547  8.473   3.715   1.00 0.00 ? 9  G A "HO3'" 1 
ATOM 283 H "H2'"  . G A 1 9 ? 15.277  7.396   4.649   1.00 0.00 ? 9  G A "H2'"  1 
ATOM 284 H "HO2'" . G A 1 9 ? 15.862  9.860   3.903   1.00 0.00 ? 9  G A "HO2'" 1 
ATOM 285 H "H1'"  . G A 1 9 ? 13.004  8.253   3.516   1.00 0.00 ? 9  G A "H1'"  1 
ATOM 286 H H8     . G A 1 9 ? 14.287  4.938   2.094   1.00 0.00 ? 9  G A H8     1 
ATOM 287 H H1     . G A 1 9 ? 11.149  4.452   7.709   1.00 0.00 ? 9  G A H1     1 
ATOM 288 H H21    . G A 1 9 ? 11.279  6.270   8.748   1.00 0.00 ? 9  G A H21    1 
ATOM 289 H H22    . G A 1 9 ? 11.560  7.698   7.865   1.00 0.00 ? 9  G A H22    1 
ATOM 290 O "O5'"  . C B 1 1 ? 6.518   3.526   14.631  1.00 0.00 ? 10 C B "O5'"  1 
ATOM 291 C "C5'"  . C B 1 1 ? 6.922   4.833   14.978  1.00 0.00 ? 10 C B "C5'"  1 
ATOM 292 C "C4'"  . C B 1 1 ? 7.604   5.455   13.711  1.00 0.00 ? 10 C B "C4'"  1 
ATOM 293 O "O4'"  . C B 1 1 ? 8.622   4.742   13.226  1.00 0.00 ? 10 C B "O4'"  1 
ATOM 294 C "C3'"  . C B 1 1 ? 6.671   5.924   12.591  1.00 0.00 ? 10 C B "C3'"  1 
ATOM 295 O "O3'"  . C B 1 1 ? 6.021   7.139   12.920  1.00 0.00 ? 10 C B "O3'"  1 
ATOM 296 C "C2'"  . C B 1 1 ? 7.767   6.011   11.445  1.00 0.00 ? 10 C B "C2'"  1 
ATOM 297 O "O2'"  . C B 1 1 ? 8.270   7.344   11.261  1.00 0.00 ? 10 C B "O2'"  1 
ATOM 298 C "C1'"  . C B 1 1 ? 8.936   5.164   11.928  1.00 0.00 ? 10 C B "C1'"  1 
ATOM 299 N N1     . C B 1 1 ? 9.032   4.025   10.914  1.00 0.00 ? 10 C B N1     1 
ATOM 300 C C2     . C B 1 1 ? 10.068  4.075   10.107  1.00 0.00 ? 10 C B C2     1 
ATOM 301 O O2     . C B 1 1 ? 10.926  4.942   10.307  1.00 0.00 ? 10 C B O2     1 
ATOM 302 N N3     . C B 1 1 ? 10.238  3.250   8.996   1.00 0.00 ? 10 C B N3     1 
ATOM 303 C C4     . C B 1 1 ? 9.454   2.234   8.939   1.00 0.00 ? 10 C B C4     1 
ATOM 304 N N4     . C B 1 1 ? 9.595   1.454   7.863   1.00 0.00 ? 10 C B N4     1 
ATOM 305 C C5     . C B 1 1 ? 8.316   2.047   9.831   1.00 0.00 ? 10 C B C5     1 
ATOM 306 C C6     . C B 1 1 ? 8.113   2.994   10.841  1.00 0.00 ? 10 C B C6     1 
ATOM 307 H "H5'"  . C B 1 1 ? 7.666   4.751   15.769  1.00 0.00 ? 10 C B "H5'"  1 
ATOM 308 H "H5''" . C B 1 1 ? 6.114   5.449   15.372  1.00 0.00 ? 10 C B "H5''" 1 
ATOM 309 H "H4'"  . C B 1 1 ? 8.136   6.352   14.029  1.00 0.00 ? 10 C B "H4'"  1 
ATOM 310 H "H3'"  . C B 1 1 ? 5.998   5.069   12.519  1.00 0.00 ? 10 C B "H3'"  1 
ATOM 311 H "H2'"  . C B 1 1 ? 7.323   5.707   10.496  1.00 0.00 ? 10 C B "H2'"  1 
ATOM 312 H "HO2'" . C B 1 1 ? 7.526   7.907   11.034  1.00 0.00 ? 10 C B "HO2'" 1 
ATOM 313 H "H1'"  . C B 1 1 ? 9.888   5.693   11.943  1.00 0.00 ? 10 C B "H1'"  1 
ATOM 314 H H41    . C B 1 1 ? 10.422  1.505   7.287   1.00 0.00 ? 10 C B H41    1 
ATOM 315 H H42    . C B 1 1 ? 8.924   0.708   7.739   1.00 0.00 ? 10 C B H42    1 
ATOM 316 H H5     . C B 1 1 ? 7.634   1.218   9.705   1.00 0.00 ? 10 C B H5     1 
ATOM 317 H H6     . C B 1 1 ? 7.260   3.072   11.498  1.00 0.00 ? 10 C B H6     1 
ATOM 318 H "HO5'" . C B 1 1 ? 5.801   3.633   14.001  1.00 0.00 ? 10 C B "HO5'" 1 
ATOM 319 P P      . C B 1 2 ? 4.981   7.807   11.899  1.00 0.00 ? 11 C B P      1 
ATOM 320 O OP1    . C B 1 2 ? 4.406   8.997   12.499  1.00 0.00 ? 11 C B OP1    1 
ATOM 321 O OP2    . C B 1 2 ? 4.138   6.710   11.478  1.00 0.00 ? 11 C B OP2    1 
ATOM 322 O "O5'"  . C B 1 2 ? 5.755   8.354   10.539  1.00 0.00 ? 11 C B "O5'"  1 
ATOM 323 C "C5'"  . C B 1 2 ? 6.182   9.667   10.422  1.00 0.00 ? 11 C B "C5'"  1 
ATOM 324 C "C4'"  . C B 1 2 ? 6.935   9.968   9.091   1.00 0.00 ? 11 C B "C4'"  1 
ATOM 325 O "O4'"  . C B 1 2 ? 7.992   9.030   8.803   1.00 0.00 ? 11 C B "O4'"  1 
ATOM 326 C "C3'"  . C B 1 2 ? 6.058   9.949   7.837   1.00 0.00 ? 11 C B "C3'"  1 
ATOM 327 O "O3'"  . C B 1 2 ? 5.022   10.956  7.751   1.00 0.00 ? 11 C B "O3'"  1 
ATOM 328 C "C2'"  . C B 1 2 ? 7.072   9.807   6.764   1.00 0.00 ? 11 C B "C2'"  1 
ATOM 329 O "O2'"  . C B 1 2 ? 7.550   11.111  6.387   1.00 0.00 ? 11 C B "O2'"  1 
ATOM 330 C "C1'"  . C B 1 2 ? 8.118   8.978   7.413   1.00 0.00 ? 11 C B "C1'"  1 
ATOM 331 N N1     . C B 1 2 ? 7.897   7.566   7.006   1.00 0.00 ? 11 C B N1     1 
ATOM 332 C C2     . C B 1 2 ? 8.525   7.077   5.853   1.00 0.00 ? 11 C B C2     1 
ATOM 333 O O2     . C B 1 2 ? 9.132   7.857   5.095   1.00 0.00 ? 11 C B O2     1 
ATOM 334 N N3     . C B 1 2 ? 8.511   5.800   5.451   1.00 0.00 ? 11 C B N3     1 
ATOM 335 C C4     . C B 1 2 ? 7.842   4.901   6.184   1.00 0.00 ? 11 C B C4     1 
ATOM 336 N N4     . C B 1 2 ? 7.963   3.715   5.810   1.00 0.00 ? 11 C B N4     1 
ATOM 337 C C5     . C B 1 2 ? 7.054   5.356   7.347   1.00 0.00 ? 11 C B C5     1 
ATOM 338 C C6     . C B 1 2 ? 7.140   6.650   7.743   1.00 0.00 ? 11 C B C6     1 
ATOM 339 H "H5'"  . C B 1 2 ? 6.834   9.847   11.277  1.00 0.00 ? 11 C B "H5'"  1 
ATOM 340 H "H5''" . C B 1 2 ? 5.331   10.347  10.460  1.00 0.00 ? 11 C B "H5''" 1 
ATOM 341 H "H4'"  . C B 1 2 ? 7.315   10.987  9.014   1.00 0.00 ? 11 C B "H4'"  1 
ATOM 342 H "H3'"  . C B 1 2 ? 5.491   9.020   7.776   1.00 0.00 ? 11 C B "H3'"  1 
ATOM 343 H "H2'"  . C B 1 2 ? 6.642   9.347   5.876   1.00 0.00 ? 11 C B "H2'"  1 
ATOM 344 H "HO2'" . C B 1 2 ? 6.766   11.658  6.475   1.00 0.00 ? 11 C B "HO2'" 1 
ATOM 345 H "H1'"  . C B 1 2 ? 9.103   9.283   7.059   1.00 0.00 ? 11 C B "H1'"  1 
ATOM 346 H H41    . C B 1 2 ? 8.391   3.504   4.920   1.00 0.00 ? 11 C B H41    1 
ATOM 347 H H42    . C B 1 2 ? 7.424   2.975   6.234   1.00 0.00 ? 11 C B H42    1 
ATOM 348 H H5     . C B 1 2 ? 6.529   4.609   7.923   1.00 0.00 ? 11 C B H5     1 
ATOM 349 H H6     . C B 1 2 ? 6.617   6.988   8.626   1.00 0.00 ? 11 C B H6     1 
ATOM 350 P P      . G B 1 3 ? 3.664   10.618  7.124   1.00 0.00 ? 12 G B P      1 
ATOM 351 O OP1    . G B 1 3 ? 2.717   11.736  7.383   1.00 0.00 ? 12 G B OP1    1 
ATOM 352 O OP2    . G B 1 3 ? 3.262   9.185   7.455   1.00 0.00 ? 12 G B OP2    1 
ATOM 353 O "O5'"  . G B 1 3 ? 4.205   10.687  5.627   1.00 0.00 ? 12 G B "O5'"  1 
ATOM 354 C "C5'"  . G B 1 3 ? 3.701   9.824   4.646   1.00 0.00 ? 12 G B "C5'"  1 
ATOM 355 C "C4'"  . G B 1 3 ? 4.488   10.106  3.382   1.00 0.00 ? 12 G B "C4'"  1 
ATOM 356 O "O4'"  . G B 1 3 ? 5.746   9.469   3.552   1.00 0.00 ? 12 G B "O4'"  1 
ATOM 357 C "C3'"  . G B 1 3 ? 3.835   9.477   2.115   1.00 0.00 ? 12 G B "C3'"  1 
ATOM 358 O "O3'"  . G B 1 3 ? 2.972   10.427  1.529   1.00 0.00 ? 12 G B "O3'"  1 
ATOM 359 C "C2'"  . G B 1 3 ? 5.076   9.325   1.323   1.00 0.00 ? 12 G B "C2'"  1 
ATOM 360 O "O2'"  . G B 1 3 ? 5.515   10.488  0.679   1.00 0.00 ? 12 G B "O2'"  1 
ATOM 361 C "C1'"  . G B 1 3 ? 6.103   8.841   2.376   1.00 0.00 ? 12 G B "C1'"  1 
ATOM 362 N N9     . G B 1 3 ? 5.905   7.361   2.570   1.00 0.00 ? 12 G B N9     1 
ATOM 363 C C8     . G B 1 3 ? 5.424   6.678   3.762   1.00 0.00 ? 12 G B C8     1 
ATOM 364 N N7     . G B 1 3 ? 5.569   5.356   3.650   1.00 0.00 ? 12 G B N7     1 
ATOM 365 C C5     . G B 1 3 ? 6.096   5.147   2.424   1.00 0.00 ? 12 G B C5     1 
ATOM 366 C C6     . G B 1 3 ? 6.503   3.941   1.780   1.00 0.00 ? 12 G B C6     1 
ATOM 367 O O6     . G B 1 3 ? 6.417   2.784   2.260   1.00 0.00 ? 12 G B O6     1 
ATOM 368 N N1     . G B 1 3 ? 7.132   4.061   0.549   1.00 0.00 ? 12 G B N1     1 
ATOM 369 C C2     . G B 1 3 ? 7.478   5.293   0.086   1.00 0.00 ? 12 G B C2     1 
ATOM 370 N N2     . G B 1 3 ? 8.079   5.298   -1.036  1.00 0.00 ? 12 G B N2     1 
ATOM 371 N N3     . G B 1 3 ? 7.090   6.504   0.600   1.00 0.00 ? 12 G B N3     1 
ATOM 372 C C4     . G B 1 3 ? 6.364   6.337   1.771   1.00 0.00 ? 12 G B C4     1 
ATOM 373 H "H5'"  . G B 1 3 ? 2.661   10.145  4.603   1.00 0.00 ? 12 G B "H5'"  1 
ATOM 374 H "H5''" . G B 1 3 ? 3.666   8.777   4.947   1.00 0.00 ? 12 G B "H5''" 1 
ATOM 375 H "H4'"  . G B 1 3 ? 4.606   11.183  3.252   1.00 0.00 ? 12 G B "H4'"  1 
ATOM 376 H "H3'"  . G B 1 3 ? 3.357   8.512   2.282   1.00 0.00 ? 12 G B "H3'"  1 
ATOM 377 H "H2'"  . G B 1 3 ? 4.957   8.488   0.635   1.00 0.00 ? 12 G B "H2'"  1 
ATOM 378 H "HO2'" . G B 1 3 ? 4.759   11.079  0.716   1.00 0.00 ? 12 G B "HO2'" 1 
ATOM 379 H "H1'"  . G B 1 3 ? 7.138   9.069   2.121   1.00 0.00 ? 12 G B "H1'"  1 
ATOM 380 H H8     . G B 1 3 ? 5.152   7.145   4.696   1.00 0.00 ? 12 G B H8     1 
ATOM 381 H H1     . G B 1 3 ? 7.307   3.203   0.046   1.00 0.00 ? 12 G B H1     1 
ATOM 382 H H21    . G B 1 3 ? 8.297   4.395   -1.435  1.00 0.00 ? 12 G B H21    1 
ATOM 383 H H22    . G B 1 3 ? 8.306   6.139   -1.546  1.00 0.00 ? 12 G B H22    1 
ATOM 384 P P      . C B 1 4 ? 1.848   9.899   0.586   1.00 0.00 ? 13 C B P      1 
ATOM 385 O OP1    . C B 1 4 ? 1.097   11.015  0.047   1.00 0.00 ? 13 C B OP1    1 
ATOM 386 O OP2    . C B 1 4 ? 1.042   8.824   1.242   1.00 0.00 ? 13 C B OP2    1 
ATOM 387 O "O5'"  . C B 1 4 ? 2.567   9.150   -0.627  1.00 0.00 ? 13 C B "O5'"  1 
ATOM 388 C "C5'"  . C B 1 4 ? 3.151   9.764   -1.735  1.00 0.00 ? 13 C B "C5'"  1 
ATOM 389 C "C4'"  . C B 1 4 ? 3.728   8.764   -2.764  1.00 0.00 ? 13 C B "C4'"  1 
ATOM 390 O "O4'"  . C B 1 4 ? 4.605   7.985   -2.037  1.00 0.00 ? 13 C B "O4'"  1 
ATOM 391 C "C3'"  . C B 1 4 ? 2.648   7.781   -3.226  1.00 0.00 ? 13 C B "C3'"  1 
ATOM 392 O "O3'"  . C B 1 4 ? 1.837   8.368   -4.250  1.00 0.00 ? 13 C B "O3'"  1 
ATOM 393 C "C2'"  . C B 1 4 ? 3.502   6.573   -3.646  1.00 0.00 ? 13 C B "C2'"  1 
ATOM 394 O "O2'"  . C B 1 4 ? 4.128   6.868   -4.889  1.00 0.00 ? 13 C B "O2'"  1 
ATOM 395 C "C1'"  . C B 1 4 ? 4.635   6.656   -2.650  1.00 0.00 ? 13 C B "C1'"  1 
ATOM 396 N N1     . C B 1 4 ? 4.344   5.630   -1.630  1.00 0.00 ? 13 C B N1     1 
ATOM 397 C C2     . C B 1 4 ? 4.555   4.313   -1.983  1.00 0.00 ? 13 C B C2     1 
ATOM 398 O O2     . C B 1 4 ? 5.096   4.018   -3.050  1.00 0.00 ? 13 C B O2     1 
ATOM 399 N N3     . C B 1 4 ? 4.067   3.253   -1.285  1.00 0.00 ? 13 C B N3     1 
ATOM 400 C C4     . C B 1 4 ? 3.593   3.499   -0.106  1.00 0.00 ? 13 C B C4     1 
ATOM 401 N N4     . C B 1 4 ? 3.413   2.474   0.644   1.00 0.00 ? 13 C B N4     1 
ATOM 402 C C5     . C B 1 4 ? 3.471   4.812   0.365   1.00 0.00 ? 13 C B C5     1 
ATOM 403 C C6     . C B 1 4 ? 3.702   5.862   -0.451  1.00 0.00 ? 13 C B C6     1 
ATOM 404 H "H5'"  . C B 1 4 ? 4.046   10.313  -1.440  1.00 0.00 ? 13 C B "H5'"  1 
ATOM 405 H "H5''" . C B 1 4 ? 2.451   10.446  -2.217  1.00 0.00 ? 13 C B "H5''" 1 
ATOM 406 H "H4'"  . C B 1 4 ? 4.190   9.198   -3.650  1.00 0.00 ? 13 C B "H4'"  1 
ATOM 407 H "H3'"  . C B 1 4 ? 2.065   7.465   -2.361  1.00 0.00 ? 13 C B "H3'"  1 
ATOM 408 H "H2'"  . C B 1 4 ? 2.985   5.616   -3.707  1.00 0.00 ? 13 C B "H2'"  1 
ATOM 409 H "HO2'" . C B 1 4 ? 3.430   6.966   -5.540  1.00 0.00 ? 13 C B "HO2'" 1 
ATOM 410 H "H1'"  . C B 1 4 ? 5.551   6.508   -3.220  1.00 0.00 ? 13 C B "H1'"  1 
ATOM 411 H H41    . C B 1 4 ? 3.626   1.559   0.272   1.00 0.00 ? 13 C B H41    1 
ATOM 412 H H42    . C B 1 4 ? 2.879   2.609   1.491   1.00 0.00 ? 13 C B H42    1 
ATOM 413 H H5     . C B 1 4 ? 3.089   5.128   1.325   1.00 0.00 ? 13 C B H5     1 
ATOM 414 H H6     . C B 1 4 ? 3.438   6.861   -0.137  1.00 0.00 ? 13 C B H6     1 
ATOM 415 P P      . U B 1 5 ? 0.576   7.537   -4.871  1.00 0.00 ? 14 U B P      1 
ATOM 416 O OP1    . U B 1 5 ? 0.065   8.305   -5.977  1.00 0.00 ? 14 U B OP1    1 
ATOM 417 O OP2    . U B 1 5 ? -0.328  7.196   -3.795  1.00 0.00 ? 14 U B OP2    1 
ATOM 418 O "O5'"  . U B 1 5 ? 1.280   6.303   -5.387  1.00 0.00 ? 14 U B "O5'"  1 
ATOM 419 C "C5'"  . U B 1 5 ? 0.481   5.060   -5.533  1.00 0.00 ? 14 U B "C5'"  1 
ATOM 420 C "C4'"  . U B 1 5 ? 1.352   3.899   -6.081  1.00 0.00 ? 14 U B "C4'"  1 
ATOM 421 O "O4'"  . U B 1 5 ? 2.080   3.157   -5.093  1.00 0.00 ? 14 U B "O4'"  1 
ATOM 422 C "C3'"  . U B 1 5 ? 0.467   2.928   -6.768  1.00 0.00 ? 14 U B "C3'"  1 
ATOM 423 O "O3'"  . U B 1 5 ? 0.202   3.321   -8.128  1.00 0.00 ? 14 U B "O3'"  1 
ATOM 424 C "C2'"  . U B 1 5 ? 1.348   1.629   -6.689  1.00 0.00 ? 14 U B "C2'"  1 
ATOM 425 O "O2'"  . U B 1 5 ? 2.386   1.751   -7.612  1.00 0.00 ? 14 U B "O2'"  1 
ATOM 426 C "C1'"  . U B 1 5 ? 1.899   1.744   -5.298  1.00 0.00 ? 14 U B "C1'"  1 
ATOM 427 N N1     . U B 1 5 ? 0.965   1.118   -4.281  1.00 0.00 ? 14 U B N1     1 
ATOM 428 C C2     . U B 1 5 ? 0.953   -0.304  -4.272  1.00 0.00 ? 14 U B C2     1 
ATOM 429 O O2     . U B 1 5 ? 1.306   -0.985  -5.234  1.00 0.00 ? 14 U B O2     1 
ATOM 430 N N3     . U B 1 5 ? 0.411   -0.901  -3.133  1.00 0.00 ? 14 U B N3     1 
ATOM 431 C C4     . U B 1 5 ? -0.050  -0.287  -1.995  1.00 0.00 ? 14 U B C4     1 
ATOM 432 O O4     . U B 1 5 ? -0.398  -0.886  -0.985  1.00 0.00 ? 14 U B O4     1 
ATOM 433 C C5     . U B 1 5 ? 0.188   1.103   -2.038  1.00 0.00 ? 14 U B C5     1 
ATOM 434 C C6     . U B 1 5 ? 0.611   1.782   -3.140  1.00 0.00 ? 14 U B C6     1 
ATOM 435 H "H5'"  . U B 1 5 ? -0.345  5.303   -6.202  1.00 0.00 ? 14 U B "H5'"  1 
ATOM 436 H "H5''" . U B 1 5 ? 0.040   4.675   -4.614  1.00 0.00 ? 14 U B "H5''" 1 
ATOM 437 H "H4'"  . U B 1 5 ? 2.100   4.298   -6.766  1.00 0.00 ? 14 U B "H4'"  1 
ATOM 438 H "H3'"  . U B 1 5 ? -0.436  2.742   -6.186  1.00 0.00 ? 14 U B "H3'"  1 
ATOM 439 H "H2'"  . U B 1 5 ? 0.746   0.760   -6.957  1.00 0.00 ? 14 U B "H2'"  1 
ATOM 440 H "HO2'" . U B 1 5 ? 2.092   2.369   -8.284  1.00 0.00 ? 14 U B "HO2'" 1 
ATOM 441 H "H1'"  . U B 1 5 ? 2.786   1.111   -5.256  1.00 0.00 ? 14 U B "H1'"  1 
ATOM 442 H H3     . U B 1 5 ? 0.300   -1.901  -3.048  1.00 0.00 ? 14 U B H3     1 
ATOM 443 H H5     . U B 1 5 ? 0.007   1.663   -1.133  1.00 0.00 ? 14 U B H5     1 
ATOM 444 H H6     . U B 1 5 ? 0.891   2.814   -2.988  1.00 0.00 ? 14 U B H6     1 
ATOM 445 P P      . G B 1 6 ? -1.282  3.402   -8.710  1.00 0.00 ? 15 G B P      1 
ATOM 446 O OP1    . G B 1 6 ? -1.274  4.179   -9.973  1.00 0.00 ? 15 G B OP1    1 
ATOM 447 O OP2    . G B 1 6 ? -2.169  3.824   -7.619  1.00 0.00 ? 15 G B OP2    1 
ATOM 448 O "O5'"  . G B 1 6 ? -1.512  1.879   -9.010  1.00 0.00 ? 15 G B "O5'"  1 
ATOM 449 C "C5'"  . G B 1 6 ? -0.803  1.182   -10.073 1.00 0.00 ? 15 G B "C5'"  1 
ATOM 450 C "C4'"  . G B 1 6 ? -1.100  -0.287  -10.023 1.00 0.00 ? 15 G B "C4'"  1 
ATOM 451 O "O4'"  . G B 1 6 ? -0.531  -0.898  -8.895  1.00 0.00 ? 15 G B "O4'"  1 
ATOM 452 C "C3'"  . G B 1 6 ? -2.612  -0.571  -9.940  1.00 0.00 ? 15 G B "C3'"  1 
ATOM 453 O "O3'"  . G B 1 6 ? -3.093  -0.580  -11.236 1.00 0.00 ? 15 G B "O3'"  1 
ATOM 454 C "C2'"  . G B 1 6 ? -2.575  -1.942  -9.244  1.00 0.00 ? 15 G B "C2'"  1 
ATOM 455 O "O2'"  . G B 1 6 ? -2.282  -2.912  -10.260 1.00 0.00 ? 15 G B "O2'"  1 
ATOM 456 C "C1'"  . G B 1 6 ? -1.413  -1.839  -8.300  1.00 0.00 ? 15 G B "C1'"  1 
ATOM 457 N N9     . G B 1 6 ? -1.729  -1.497  -6.882  1.00 0.00 ? 15 G B N9     1 
ATOM 458 C C8     . G B 1 6 ? -1.925  -0.253  -6.274  1.00 0.00 ? 15 G B C8     1 
ATOM 459 N N7     . G B 1 6 ? -2.278  -0.401  -5.010  1.00 0.00 ? 15 G B N7     1 
ATOM 460 C C5     . G B 1 6 ? -2.209  -1.804  -4.747  1.00 0.00 ? 15 G B C5     1 
ATOM 461 C C6     . G B 1 6 ? -2.710  -2.530  -3.663  1.00 0.00 ? 15 G B C6     1 
ATOM 462 O O6     . G B 1 6 ? -3.082  -2.124  -2.590  1.00 0.00 ? 15 G B O6     1 
ATOM 463 N N1     . G B 1 6 ? -2.789  -3.899  -3.949  1.00 0.00 ? 15 G B N1     1 
ATOM 464 C C2     . G B 1 6 ? -2.426  -4.452  -5.078  1.00 0.00 ? 15 G B C2     1 
ATOM 465 N N2     . G B 1 6 ? -2.378  -5.720  -5.027  1.00 0.00 ? 15 G B N2     1 
ATOM 466 N N3     . G B 1 6 ? -2.102  -3.775  -6.161  1.00 0.00 ? 15 G B N3     1 
ATOM 467 C C4     . G B 1 6 ? -2.024  -2.453  -5.972  1.00 0.00 ? 15 G B C4     1 
ATOM 468 H "H5'"  . G B 1 6 ? 0.243   1.480   -10.144 1.00 0.00 ? 15 G B "H5'"  1 
ATOM 469 H "H5''" . G B 1 6 ? -1.046  1.520   -11.081 1.00 0.00 ? 15 G B "H5''" 1 
ATOM 470 H "H4'"  . G B 1 6 ? -0.836  -0.782  -10.958 1.00 0.00 ? 15 G B "H4'"  1 
ATOM 471 H "H3'"  . G B 1 6 ? -3.109  0.145   -9.284  1.00 0.00 ? 15 G B "H3'"  1 
ATOM 472 H "H2'"  . G B 1 6 ? -3.560  -2.130  -8.819  1.00 0.00 ? 15 G B "H2'"  1 
ATOM 473 H "HO2'" . G B 1 6 ? -2.800  -2.664  -11.031 1.00 0.00 ? 15 G B "HO2'" 1 
ATOM 474 H "H1'"  . G B 1 6 ? -0.901  -2.798  -8.216  1.00 0.00 ? 15 G B "H1'"  1 
ATOM 475 H H8     . G B 1 6 ? -1.870  0.716   -6.746  1.00 0.00 ? 15 G B H8     1 
ATOM 476 H H1     . G B 1 6 ? -2.956  -4.561  -3.205  1.00 0.00 ? 15 G B H1     1 
ATOM 477 H H21    . G B 1 6 ? -2.715  -6.244  -4.231  1.00 0.00 ? 15 G B H21    1 
ATOM 478 H H22    . G B 1 6 ? -2.068  -6.133  -5.895  1.00 0.00 ? 15 G B H22    1 
ATOM 479 P P      . C B 1 7 ? -4.613  -0.458  -11.493 1.00 0.00 ? 16 C B P      1 
ATOM 480 O OP1    . C B 1 7 ? -4.818  -0.626  -12.929 1.00 0.00 ? 16 C B OP1    1 
ATOM 481 O OP2    . C B 1 7 ? -5.084  0.778   -10.794 1.00 0.00 ? 16 C B OP2    1 
ATOM 482 O "O5'"  . C B 1 7 ? -5.225  -1.674  -10.749 1.00 0.00 ? 16 C B "O5'"  1 
ATOM 483 C "C5'"  . C B 1 7 ? -5.505  -2.887  -11.502 1.00 0.00 ? 16 C B "C5'"  1 
ATOM 484 C "C4'"  . C B 1 7 ? -5.914  -4.080  -10.585 1.00 0.00 ? 16 C B "C4'"  1 
ATOM 485 O "O4'"  . C B 1 7 ? -5.073  -4.372  -9.496  1.00 0.00 ? 16 C B "O4'"  1 
ATOM 486 C "C3'"  . C B 1 7 ? -7.283  -3.693  -10.048 1.00 0.00 ? 16 C B "C3'"  1 
ATOM 487 O "O3'"  . C B 1 7 ? -8.271  -4.066  -11.017 1.00 0.00 ? 16 C B "O3'"  1 
ATOM 488 C "C2'"  . C B 1 7 ? -7.327  -4.519  -8.779  1.00 0.00 ? 16 C B "C2'"  1 
ATOM 489 O "O2'"  . C B 1 7 ? -7.881  -5.805  -9.016  1.00 0.00 ? 16 C B "O2'"  1 
ATOM 490 C "C1'"  . C B 1 7 ? -5.848  -4.511  -8.347  1.00 0.00 ? 16 C B "C1'"  1 
ATOM 491 N N1     . C B 1 7 ? -5.568  -3.612  -7.147  1.00 0.00 ? 16 C B N1     1 
ATOM 492 C C2     . C B 1 7 ? -5.718  -4.093  -5.851  1.00 0.00 ? 16 C B C2     1 
ATOM 493 O O2     . C B 1 7 ? -5.886  -5.314  -5.541  1.00 0.00 ? 16 C B O2     1 
ATOM 494 N N3     . C B 1 7 ? -5.732  -3.211  -4.851  1.00 0.00 ? 16 C B N3     1 
ATOM 495 C C4     . C B 1 7 ? -5.583  -1.883  -4.997  1.00 0.00 ? 16 C B C4     1 
ATOM 496 N N4     . C B 1 7 ? -5.658  -1.101  -3.939  1.00 0.00 ? 16 C B N4     1 
ATOM 497 C C5     . C B 1 7 ? -5.641  -1.361  -6.333  1.00 0.00 ? 16 C B C5     1 
ATOM 498 C C6     . C B 1 7 ? -5.594  -2.272  -7.346  1.00 0.00 ? 16 C B C6     1 
ATOM 499 H "H5'"  . C B 1 7 ? -4.614  -3.208  -12.040 1.00 0.00 ? 16 C B "H5'"  1 
ATOM 500 H "H5''" . C B 1 7 ? -6.342  -2.801  -12.195 1.00 0.00 ? 16 C B "H5''" 1 
ATOM 501 H "H4'"  . C B 1 7 ? -5.995  -4.974  -11.204 1.00 0.00 ? 16 C B "H4'"  1 
ATOM 502 H "H3'"  . C B 1 7 ? -7.354  -2.633  -9.805  1.00 0.00 ? 16 C B "H3'"  1 
ATOM 503 H "H2'"  . C B 1 7 ? -7.909  -4.042  -7.991  1.00 0.00 ? 16 C B "H2'"  1 
ATOM 504 H "HO2'" . C B 1 7 ? -8.793  -5.563  -9.200  1.00 0.00 ? 16 C B "HO2'" 1 
ATOM 505 H "H1'"  . C B 1 7 ? -5.692  -5.544  -8.040  1.00 0.00 ? 16 C B "H1'"  1 
ATOM 506 H H41    . C B 1 7 ? -5.661  -1.465  -2.997  1.00 0.00 ? 16 C B H41    1 
ATOM 507 H H42    . C B 1 7 ? -5.484  -0.112  -4.058  1.00 0.00 ? 16 C B H42    1 
ATOM 508 H H5     . C B 1 7 ? -5.521  -0.299  -6.496  1.00 0.00 ? 16 C B H5     1 
ATOM 509 H H6     . C B 1 7 ? -5.609  -1.930  -8.370  1.00 0.00 ? 16 C B H6     1 
ATOM 510 P P      . G B 1 8 ? -9.763  -3.633  -10.733 1.00 0.00 ? 17 G B P      1 
ATOM 511 O OP1    . G B 1 8 ? -10.633 -4.071  -11.781 1.00 0.00 ? 17 G B OP1    1 
ATOM 512 O OP2    . G B 1 8 ? -9.732  -2.197  -10.391 1.00 0.00 ? 17 G B OP2    1 
ATOM 513 O "O5'"  . G B 1 8 ? -10.106 -4.402  -9.420  1.00 0.00 ? 17 G B "O5'"  1 
ATOM 514 C "C5'"  . G B 1 8 ? -10.991 -4.003  -8.387  1.00 0.00 ? 17 G B "C5'"  1 
ATOM 515 C "C4'"  . G B 1 8 ? -10.944 -5.019  -7.300  1.00 0.00 ? 17 G B "C4'"  1 
ATOM 516 O "O4'"  . G B 1 8 ? -9.740  -5.097  -6.513  1.00 0.00 ? 17 G B "O4'"  1 
ATOM 517 C "C3'"  . G B 1 8 ? -12.143 -4.993  -6.314  1.00 0.00 ? 17 G B "C3'"  1 
ATOM 518 O "O3'"  . G B 1 8 ? -13.336 -5.530  -6.856  1.00 0.00 ? 17 G B "O3'"  1 
ATOM 519 C "C2'"  . G B 1 8 ? -11.512 -5.881  -5.202  1.00 0.00 ? 17 G B "C2'"  1 
ATOM 520 O "O2'"  . G B 1 8 ? -11.455 -7.253  -5.486  1.00 0.00 ? 17 G B "O2'"  1 
ATOM 521 C "C1'"  . G B 1 8 ? -10.136 -5.247  -5.172  1.00 0.00 ? 17 G B "C1'"  1 
ATOM 522 N N9     . G B 1 8 ? -10.098 -3.945  -4.478  1.00 0.00 ? 17 G B N9     1 
ATOM 523 C C8     . G B 1 8 ? -10.110 -2.649  -4.997  1.00 0.00 ? 17 G B C8     1 
ATOM 524 N N7     . G B 1 8 ? -9.960  -1.722  -4.092  1.00 0.00 ? 17 G B N7     1 
ATOM 525 C C5     . G B 1 8 ? -10.087 -2.420  -2.875  1.00 0.00 ? 17 G B C5     1 
ATOM 526 C C6     . G B 1 8 ? -10.125 -1.985  -1.511  1.00 0.00 ? 17 G B C6     1 
ATOM 527 O O6     . G B 1 8 ? -10.159 -0.783  -1.123  1.00 0.00 ? 17 G B O6     1 
ATOM 528 N N1     . G B 1 8 ? -10.241 -3.064  -0.622  1.00 0.00 ? 17 G B N1     1 
ATOM 529 C C2     . G B 1 8 ? -10.400 -4.363  -0.957  1.00 0.00 ? 17 G B C2     1 
ATOM 530 N N2     . G B 1 8 ? -10.393 -5.238  0.011   1.00 0.00 ? 17 G B N2     1 
ATOM 531 N N3     . G B 1 8 ? -10.358 -4.807  -2.222  1.00 0.00 ? 17 G B N3     1 
ATOM 532 C C4     . G B 1 8 ? -10.204 -3.788  -3.101  1.00 0.00 ? 17 G B C4     1 
ATOM 533 H "H5'"  . G B 1 8 ? -12.031 -4.045  -8.709  1.00 0.00 ? 17 G B "H5'"  1 
ATOM 534 H "H5''" . G B 1 8 ? -10.817 -3.011  -7.970  1.00 0.00 ? 17 G B "H5''" 1 
ATOM 535 H "H4'"  . G B 1 8 ? -11.117 -5.941  -7.852  1.00 0.00 ? 17 G B "H4'"  1 
ATOM 536 H "H3'"  . G B 1 8 ? -12.315 -3.949  -6.050  1.00 0.00 ? 17 G B "H3'"  1 
ATOM 537 H "H2'"  . G B 1 8 ? -12.079 -5.798  -4.276  1.00 0.00 ? 17 G B "H2'"  1 
ATOM 538 H "HO2'" . G B 1 8 ? -11.281 -7.383  -6.421  1.00 0.00 ? 17 G B "HO2'" 1 
ATOM 539 H "H1'"  . G B 1 8 ? -9.452  -5.916  -4.650  1.00 0.00 ? 17 G B "H1'"  1 
ATOM 540 H H8     . G B 1 8 ? -10.002 -2.472  -6.056  1.00 0.00 ? 17 G B H8     1 
ATOM 541 H H1     . G B 1 8 ? -10.148 -2.888  0.368   1.00 0.00 ? 17 G B H1     1 
ATOM 542 H H21    . G B 1 8 ? -10.461 -4.986  0.987   1.00 0.00 ? 17 G B H21    1 
ATOM 543 H H22    . G B 1 8 ? -10.423 -6.208  -0.268  1.00 0.00 ? 17 G B H22    1 
ATOM 544 P P      . G B 1 9 ? -14.790 -5.110  -6.367  1.00 0.00 ? 18 G B P      1 
ATOM 545 O OP1    . G B 1 9 ? -15.701 -6.016  -6.995  1.00 0.00 ? 18 G B OP1    1 
ATOM 546 O OP2    . G B 1 9 ? -15.046 -3.672  -6.546  1.00 0.00 ? 18 G B OP2    1 
ATOM 547 O "O5'"  . G B 1 9 ? -14.709 -5.375  -4.813  1.00 0.00 ? 18 G B "O5'"  1 
ATOM 548 C "C5'"  . G B 1 9 ? -14.767 -6.653  -4.318  1.00 0.00 ? 18 G B "C5'"  1 
ATOM 549 C "C4'"  . G B 1 9 ? -14.704 -6.726  -2.792  1.00 0.00 ? 18 G B "C4'"  1 
ATOM 550 O "O4'"  . G B 1 9 ? -13.508 -6.032  -2.313  1.00 0.00 ? 18 G B "O4'"  1 
ATOM 551 C "C3'"  . G B 1 9 ? -15.876 -6.119  -2.039  1.00 0.00 ? 18 G B "C3'"  1 
ATOM 552 O "O3'"  . G B 1 9 ? -16.865 -7.117  -1.751  1.00 0.00 ? 18 G B "O3'"  1 
ATOM 553 C "C2'"  . G B 1 9 ? -15.275 -5.635  -0.695  1.00 0.00 ? 18 G B "C2'"  1 
ATOM 554 O "O2'"  . G B 1 9 ? -15.177 -6.713  0.236   1.00 0.00 ? 18 G B "O2'"  1 
ATOM 555 C "C1'"  . G B 1 9 ? -13.825 -5.266  -1.122  1.00 0.00 ? 18 G B "C1'"  1 
ATOM 556 N N9     . G B 1 9 ? -13.822 -3.788  -1.305  1.00 0.00 ? 18 G B N9     1 
ATOM 557 C C8     . G B 1 9 ? -13.637 -3.097  -2.505  1.00 0.00 ? 18 G B C8     1 
ATOM 558 N N7     . G B 1 9 ? -13.559 -1.821  -2.366  1.00 0.00 ? 18 G B N7     1 
ATOM 559 C C5     . G B 1 9 ? -13.709 -1.634  -0.958  1.00 0.00 ? 18 G B C5     1 
ATOM 560 C C6     . G B 1 9 ? -13.595 -0.435  -0.137  1.00 0.00 ? 18 G B C6     1 
ATOM 561 O O6     . G B 1 9 ? -13.365 0.717   -0.449  1.00 0.00 ? 18 G B O6     1 
ATOM 562 N N1     . G B 1 9 ? -13.531 -0.740  1.276   1.00 0.00 ? 18 G B N1     1 
ATOM 563 C C2     . G B 1 9 ? -13.705 -2.002  1.746   1.00 0.00 ? 18 G B C2     1 
ATOM 564 N N2     . G B 1 9 ? -13.869 -2.039  3.031   1.00 0.00 ? 18 G B N2     1 
ATOM 565 N N3     . G B 1 9 ? -13.979 -3.113  1.055   1.00 0.00 ? 18 G B N3     1 
ATOM 566 C C4     . G B 1 9 ? -13.892 -2.821  -0.292  1.00 0.00 ? 18 G B C4     1 
ATOM 567 H "H5'"  . G B 1 9 ? -13.914 -7.226  -4.681  1.00 0.00 ? 18 G B "H5'"  1 
ATOM 568 H "H5''" . G B 1 9 ? -15.660 -7.223  -4.573  1.00 0.00 ? 18 G B "H5''" 1 
ATOM 569 H "H4'"  . G B 1 9 ? -14.759 -7.744  -2.405  1.00 0.00 ? 18 G B "H4'"  1 
ATOM 570 H "H3'"  . G B 1 9 ? -16.242 -5.256  -2.594  1.00 0.00 ? 18 G B "H3'"  1 
ATOM 571 H "HO3'" . G B 1 9 ? -17.363 -7.269  -2.557  1.00 0.00 ? 18 G B "HO3'" 1 
ATOM 572 H "H2'"  . G B 1 9 ? -15.835 -4.833  -0.214  1.00 0.00 ? 18 G B "H2'"  1 
ATOM 573 H "HO2'" . G B 1 9 ? -15.865 -7.310  -0.066  1.00 0.00 ? 18 G B "HO2'" 1 
ATOM 574 H "H1'"  . G B 1 9 ? -13.156 -5.547  -0.308  1.00 0.00 ? 18 G B "H1'"  1 
ATOM 575 H H8     . G B 1 9 ? -13.510 -3.604  -3.450  1.00 0.00 ? 18 G B H8     1 
ATOM 576 H H1     . G B 1 9 ? -13.504 0.021   1.940   1.00 0.00 ? 18 G B H1     1 
ATOM 577 H H21    . G B 1 9 ? -14.326 -1.257  3.478   1.00 0.00 ? 18 G B H21    1 
ATOM 578 H H22    . G B 1 9 ? -14.108 -2.914  3.476   1.00 0.00 ? 18 G B H22    1 
# 
